data_1Q9W
#
_entry.id   1Q9W
#
_cell.length_a   71.200
_cell.length_b   113.900
_cell.length_c   133.900
_cell.angle_alpha   90.00
_cell.angle_beta   90.00
_cell.angle_gamma   90.00
#
_symmetry.space_group_name_H-M   'P 21 21 21'
#
loop_
_entity.id
_entity.type
_entity.pdbx_description
1 polymer 'S45-18 Fab (IgG1k) light chain'
2 polymer 'S45-18 Fab (IgG1k) heavy chain'
3 branched '3-deoxy-alpha-D-manno-oct-2-ulopyranosonic acid-(2-4)-3-deoxy-alpha-D-manno-oct-2-ulopyranosonic acid-(2-4)-3-deoxy-alpha-D-manno-oct-2-ulopyranosonic acid-(2-6)-2-amino-2-deoxy-4-O-phosphono-alpha-D-glucopyranose-(1-6)-2-amino-2-deoxy-1-O-phosphono-alpha-D-glucopyranose'
4 branched '3-deoxy-alpha-D-manno-oct-2-ulopyranosonic acid-(2-4)-3-deoxy-alpha-D-manno-oct-2-ulopyranosonic acid-(2-4)-3-deoxy-alpha-D-manno-oct-2-ulopyranosonic acid'
5 non-polymer 'MAGNESIUM ION'
6 water water
#
loop_
_entity_poly.entity_id
_entity_poly.type
_entity_poly.pdbx_seq_one_letter_code
_entity_poly.pdbx_strand_id
1 'polypeptide(L)'
;DIVMSQFPSSLAVSAGEKVTMSCKSSQSLLNSRTRKSYLAWYQQKPGQFPKLLIYWAATRESGVPDRFTGSGSGTDFTLT
ISSVQAEDLAVYYCKQSYNLRTFGGGTKLEIKRADAAPTVSIFPPSSEQLTSGGASVVCFLNNFYPKDINVKWKIDGSER
QNGVLNSWTDQDSKDSTYSMSSTLTLTKDEYERHNSYTCEATHKTSTSPIVKSFNRNEC
;
A,C
2 'polypeptide(L)'
;EVILVESGGGLVQPGGSLRLSCSTSGFTFTDYYMSWVRQPPGKALEWLGFIRNKPKGYTTEYSASVKGRFTISRDNSQSI
LYLQMNTLRAEDSATYYCVRDIYSFGSRDGMDYWGQGTSVTVSSAKTTPPSVYPLAPGSAAQTNSMVTLGCLVKGYFPEP
VTVTWNSGSLSSGVHTFPAVLQSDLYTLSSSVTVPSSTWPSETVTCNVAHPASSTKVDKKIVPRDC
;
B,D
#
loop_
_chem_comp.id
_chem_comp.type
_chem_comp.name
_chem_comp.formula
GP1 D-saccharide 2-amino-2-deoxy-1-O-phosphono-alpha-D-glucopyranose 'C6 H14 N O8 P'
GP4 D-saccharide, alpha linking 2-amino-2-deoxy-4-O-phosphono-alpha-D-glucopyranose 'C6 H14 N O8 P'
KDO D-saccharide, alpha linking '3-deoxy-alpha-D-manno-oct-2-ulopyranosonic acid' 'C8 H14 O8'
MG non-polymer 'MAGNESIUM ION' 'Mg 2'
#
# COMPACT_ATOMS: atom_id res chain seq x y z
N ASP A 1 19.73 1.82 -17.10
CA ASP A 1 20.39 0.84 -16.20
C ASP A 1 20.84 1.52 -14.91
N ILE A 2 21.19 0.72 -13.91
CA ILE A 2 21.64 1.26 -12.64
C ILE A 2 23.12 0.92 -12.44
N VAL A 3 23.93 1.89 -12.07
CA VAL A 3 25.35 1.62 -11.82
C VAL A 3 25.54 1.45 -10.32
N MET A 4 26.14 0.33 -9.93
CA MET A 4 26.37 0.05 -8.51
C MET A 4 27.85 0.23 -8.22
N SER A 5 28.18 0.81 -7.06
CA SER A 5 29.57 1.04 -6.72
C SER A 5 29.80 0.87 -5.22
N GLN A 6 31.02 0.54 -4.84
CA GLN A 6 31.32 0.36 -3.42
C GLN A 6 32.59 1.09 -3.04
N PHE A 7 32.73 1.41 -1.76
CA PHE A 7 33.94 2.08 -1.32
C PHE A 7 34.12 1.85 0.18
N PRO A 8 35.38 1.70 0.65
CA PRO A 8 36.63 1.73 -0.14
C PRO A 8 36.79 0.42 -0.89
N SER A 9 37.79 0.38 -1.78
CA SER A 9 38.01 -0.83 -2.56
C SER A 9 38.56 -1.94 -1.70
N SER A 10 39.26 -1.57 -0.63
CA SER A 10 39.84 -2.55 0.25
C SER A 10 40.03 -1.93 1.63
N LEU A 11 39.98 -2.74 2.68
CA LEU A 11 40.13 -2.26 4.03
C LEU A 11 40.80 -3.37 4.83
N ALA A 12 41.50 -3.00 5.90
CA ALA A 12 42.18 -4.00 6.73
C ALA A 12 41.96 -3.69 8.21
N VAL A 13 41.64 -4.72 9.00
CA VAL A 13 41.44 -4.59 10.44
C VAL A 13 41.95 -5.85 11.11
N SER A 14 42.15 -5.79 12.42
CA SER A 14 42.59 -6.95 13.19
C SER A 14 41.37 -7.63 13.74
N ALA A 15 41.49 -8.92 14.05
CA ALA A 15 40.40 -9.70 14.59
C ALA A 15 39.87 -9.02 15.84
N GLY A 16 38.56 -8.94 15.97
CA GLY A 16 37.95 -8.32 17.12
C GLY A 16 37.49 -6.90 16.87
N GLU A 17 37.96 -6.29 15.79
CA GLU A 17 37.60 -4.92 15.45
C GLU A 17 36.34 -4.85 14.60
N LYS A 18 35.73 -3.66 14.56
CA LYS A 18 34.50 -3.43 13.80
C LYS A 18 34.86 -2.79 12.46
N VAL A 19 34.12 -3.14 11.40
CA VAL A 19 34.39 -2.57 10.10
C VAL A 19 33.08 -2.18 9.41
N THR A 20 33.14 -1.12 8.61
CA THR A 20 31.98 -0.62 7.87
C THR A 20 32.44 -0.40 6.42
N MET A 21 31.59 -0.75 5.47
CA MET A 21 31.91 -0.52 4.06
C MET A 21 30.61 -0.02 3.42
N SER A 22 30.76 0.72 2.31
CA SER A 22 29.63 1.35 1.68
C SER A 22 29.31 0.92 0.26
N CYS A 23 28.05 1.13 -0.10
CA CYS A 23 27.56 0.78 -1.43
C CYS A 23 26.61 1.90 -1.86
N LYS A 24 26.70 2.29 -3.12
CA LYS A 24 25.85 3.34 -3.67
C LYS A 24 25.27 2.93 -5.02
N SER A 25 24.03 3.35 -5.26
CA SER A 25 23.38 3.08 -6.55
C SER A 25 23.16 4.39 -7.30
N SER A 26 23.17 4.30 -8.63
CA SER A 26 22.95 5.42 -9.56
C SER A 26 21.55 5.97 -9.48
N GLN A 27 20.62 5.15 -9.01
CA GLN A 27 19.23 5.54 -8.92
C GLN A 27 18.69 4.88 -7.66
N SER A 28 17.60 5.42 -7.14
CA SER A 28 17.00 4.87 -5.94
C SER A 28 16.49 3.47 -6.15
N LEU A 29 16.71 2.63 -5.15
CA LEU A 29 16.27 1.24 -5.18
C LEU A 29 15.04 1.07 -4.29
N LEU A 30 14.44 2.18 -3.89
CA LEU A 30 13.26 2.15 -3.03
C LEU A 30 11.94 1.98 -3.80
N ASN A 31 11.10 1.06 -3.35
CA ASN A 31 9.78 0.86 -3.96
C ASN A 31 8.84 1.63 -3.04
N SER A 32 8.21 2.68 -3.56
CA SER A 32 7.31 3.54 -2.77
C SER A 32 6.10 2.84 -2.14
N ARG A 33 5.68 1.73 -2.74
CA ARG A 33 4.54 0.97 -2.22
C ARG A 33 4.96 0.04 -1.07
N THR A 34 5.99 -0.76 -1.31
CA THR A 34 6.46 -1.69 -0.28
C THR A 34 7.35 -1.03 0.76
N ARG A 35 7.94 0.12 0.42
CA ARG A 35 8.81 0.86 1.31
C ARG A 35 10.19 0.21 1.51
N LYS A 36 10.44 -0.89 0.82
CA LYS A 36 11.72 -1.58 0.92
C LYS A 36 12.70 -1.07 -0.14
N SER A 37 14.00 -1.25 0.11
CA SER A 37 15.05 -0.87 -0.86
C SER A 37 15.63 -2.23 -1.30
N TYR A 38 15.65 -2.50 -2.59
CA TYR A 38 16.10 -3.81 -3.06
C TYR A 38 17.61 -3.93 -3.27
N LEU A 39 18.30 -4.08 -2.14
CA LEU A 39 19.75 -4.20 -2.07
C LEU A 39 20.16 -5.40 -1.22
N ALA A 40 21.12 -6.17 -1.73
CA ALA A 40 21.60 -7.37 -1.03
C ALA A 40 23.12 -7.35 -0.96
N TRP A 41 23.64 -8.08 0.02
CA TRP A 41 25.05 -8.20 0.26
C TRP A 41 25.48 -9.67 0.21
N TYR A 42 26.62 -9.92 -0.45
CA TYR A 42 27.18 -11.26 -0.61
C TYR A 42 28.63 -11.28 -0.14
N GLN A 43 29.04 -12.40 0.42
CA GLN A 43 30.39 -12.60 0.91
C GLN A 43 31.05 -13.65 0.04
N GLN A 44 32.24 -13.36 -0.50
CA GLN A 44 32.93 -14.39 -1.29
C GLN A 44 34.34 -14.59 -0.76
N LYS A 45 34.51 -15.66 0.01
CA LYS A 45 35.82 -15.96 0.58
C LYS A 45 36.79 -16.36 -0.52
N PRO A 46 38.10 -16.20 -0.29
CA PRO A 46 39.04 -16.57 -1.35
C PRO A 46 38.88 -18.00 -1.85
N GLY A 47 38.73 -18.14 -3.17
CA GLY A 47 38.59 -19.45 -3.76
C GLY A 47 37.23 -20.12 -3.72
N GLN A 48 36.23 -19.54 -3.08
CA GLN A 48 34.93 -20.20 -3.06
C GLN A 48 33.79 -19.42 -3.70
N PHE A 49 32.59 -20.01 -3.72
CA PHE A 49 31.46 -19.30 -4.33
C PHE A 49 30.88 -18.30 -3.37
N PRO A 50 30.10 -17.33 -3.88
CA PRO A 50 29.48 -16.29 -3.06
C PRO A 50 28.39 -16.86 -2.16
N LYS A 51 28.17 -16.18 -1.03
CA LYS A 51 27.18 -16.56 -0.05
C LYS A 51 26.31 -15.33 0.26
N LEU A 52 25.00 -15.51 0.20
CA LEU A 52 24.03 -14.43 0.47
C LEU A 52 24.07 -14.13 1.98
N LEU A 53 24.21 -12.86 2.32
CA LEU A 53 24.24 -12.44 3.73
C LEU A 53 23.01 -11.67 4.14
N ILE A 54 22.66 -10.67 3.34
CA ILE A 54 21.54 -9.78 3.66
C ILE A 54 20.72 -9.42 2.42
N TYR A 55 19.40 -9.29 2.58
CA TYR A 55 18.58 -8.88 1.44
C TYR A 55 17.62 -7.78 1.89
N TRP A 56 16.95 -7.13 0.94
CA TRP A 56 16.05 -6.02 1.26
C TRP A 56 16.76 -4.99 2.14
N ALA A 57 18.04 -4.77 1.86
CA ALA A 57 18.88 -3.82 2.57
C ALA A 57 19.26 -4.17 4.02
N ALA A 58 18.30 -4.67 4.82
CA ALA A 58 18.60 -4.94 6.22
C ALA A 58 18.17 -6.27 6.82
N THR A 59 17.66 -7.17 5.99
CA THR A 59 17.22 -8.46 6.51
C THR A 59 18.31 -9.50 6.37
N ARG A 60 18.75 -10.03 7.50
CA ARG A 60 19.78 -11.03 7.53
C ARG A 60 19.21 -12.41 7.15
N GLU A 61 19.93 -13.13 6.28
CA GLU A 61 19.56 -14.49 5.84
C GLU A 61 19.60 -15.36 7.08
N SER A 62 18.63 -16.26 7.25
CA SER A 62 18.65 -17.12 8.45
C SER A 62 19.93 -17.95 8.46
N GLY A 63 20.59 -18.02 9.61
CA GLY A 63 21.82 -18.78 9.70
C GLY A 63 23.05 -17.89 9.66
N VAL A 64 22.95 -16.72 9.04
CA VAL A 64 24.07 -15.78 8.97
C VAL A 64 24.33 -15.16 10.33
N PRO A 65 25.58 -15.24 10.81
CA PRO A 65 25.94 -14.67 12.12
C PRO A 65 25.41 -13.26 12.30
N ASP A 66 24.99 -12.91 13.50
CA ASP A 66 24.45 -11.57 13.74
C ASP A 66 25.49 -10.46 13.68
N ARG A 67 26.77 -10.83 13.57
CA ARG A 67 27.86 -9.85 13.46
C ARG A 67 27.69 -9.02 12.20
N PHE A 68 27.01 -9.59 11.20
CA PHE A 68 26.78 -8.89 9.94
C PHE A 68 25.48 -8.14 9.96
N THR A 69 25.53 -6.83 9.72
CA THR A 69 24.34 -6.00 9.70
C THR A 69 24.32 -5.09 8.48
N GLY A 70 23.19 -5.05 7.80
CA GLY A 70 23.06 -4.18 6.64
C GLY A 70 22.12 -3.06 6.97
N SER A 71 22.35 -1.87 6.41
CA SER A 71 21.48 -0.74 6.66
C SER A 71 21.45 0.20 5.46
N GLY A 72 20.50 1.13 5.47
CA GLY A 72 20.41 2.09 4.40
C GLY A 72 19.13 2.00 3.60
N SER A 73 18.95 2.95 2.69
CA SER A 73 17.77 2.98 1.87
C SER A 73 18.00 3.92 0.71
N GLY A 74 17.19 3.77 -0.34
CA GLY A 74 17.30 4.64 -1.49
C GLY A 74 18.53 4.37 -2.33
N THR A 75 19.54 5.22 -2.19
CA THR A 75 20.78 5.06 -2.97
C THR A 75 22.01 4.80 -2.10
N ASP A 76 21.87 4.89 -0.78
CA ASP A 76 23.03 4.70 0.08
C ASP A 76 22.91 3.56 1.08
N PHE A 77 23.88 2.65 1.01
CA PHE A 77 23.87 1.49 1.88
C PHE A 77 25.20 1.19 2.54
N THR A 78 25.13 0.43 3.63
CA THR A 78 26.33 0.05 4.36
C THR A 78 26.19 -1.37 4.91
N LEU A 79 27.33 -2.01 5.03
CA LEU A 79 27.42 -3.34 5.62
C LEU A 79 28.39 -3.15 6.78
N THR A 80 27.98 -3.59 7.96
CA THR A 80 28.84 -3.50 9.14
C THR A 80 29.13 -4.88 9.70
N ILE A 81 30.37 -5.12 10.07
CA ILE A 81 30.74 -6.38 10.68
C ILE A 81 31.31 -6.00 12.03
N SER A 82 30.64 -6.42 13.10
CA SER A 82 31.14 -6.11 14.43
C SER A 82 32.02 -7.29 14.80
N SER A 83 33.09 -7.04 15.54
CA SER A 83 33.97 -8.11 15.96
C SER A 83 34.40 -9.04 14.82
N VAL A 84 35.15 -8.48 13.88
CA VAL A 84 35.65 -9.22 12.73
C VAL A 84 36.46 -10.42 13.18
N GLN A 85 36.29 -11.54 12.46
CA GLN A 85 37.02 -12.77 12.76
C GLN A 85 37.90 -13.09 11.56
N ALA A 86 38.95 -13.88 11.78
CA ALA A 86 39.87 -14.26 10.72
C ALA A 86 39.15 -14.80 9.50
N GLU A 87 38.14 -15.62 9.72
CA GLU A 87 37.41 -16.22 8.61
C GLU A 87 36.56 -15.24 7.80
N ASP A 88 36.44 -14.01 8.28
CA ASP A 88 35.65 -12.98 7.57
C ASP A 88 36.41 -12.43 6.37
N LEU A 89 37.66 -12.88 6.21
CA LEU A 89 38.54 -12.52 5.09
C LEU A 89 37.77 -12.85 3.80
N ALA A 90 37.51 -11.85 2.96
CA ALA A 90 36.73 -12.10 1.74
C ALA A 90 36.46 -10.81 0.99
N VAL A 91 35.83 -10.93 -0.18
CA VAL A 91 35.42 -9.75 -0.91
C VAL A 91 33.91 -9.70 -0.68
N TYR A 92 33.39 -8.52 -0.35
CA TYR A 92 31.97 -8.37 -0.11
C TYR A 92 31.37 -7.57 -1.26
N TYR A 93 30.27 -8.08 -1.81
CA TYR A 93 29.61 -7.41 -2.93
C TYR A 93 28.20 -6.99 -2.61
N CYS A 94 27.80 -5.81 -3.07
CA CYS A 94 26.41 -5.45 -2.92
C CYS A 94 25.79 -5.68 -4.29
N LYS A 95 24.48 -5.81 -4.32
CA LYS A 95 23.77 -6.07 -5.58
C LYS A 95 22.36 -5.52 -5.52
N GLN A 96 21.95 -4.74 -6.53
CA GLN A 96 20.58 -4.22 -6.55
C GLN A 96 19.71 -5.24 -7.31
N SER A 97 18.47 -5.42 -6.86
CA SER A 97 17.52 -6.31 -7.53
C SER A 97 16.24 -5.50 -7.81
N TYR A 98 16.39 -4.17 -7.87
CA TYR A 98 15.28 -3.26 -8.14
C TYR A 98 14.82 -3.32 -9.61
N ASN A 99 15.77 -3.42 -10.54
CA ASN A 99 15.48 -3.52 -11.96
C ASN A 99 16.48 -4.54 -12.50
N LEU A 100 16.02 -5.78 -12.71
CA LEU A 100 16.89 -6.89 -13.10
C LEU A 100 17.92 -6.95 -11.95
N ARG A 101 19.20 -7.24 -12.22
CA ARG A 101 20.19 -7.28 -11.14
C ARG A 101 21.53 -6.69 -11.61
N THR A 102 22.23 -6.03 -10.68
CA THR A 102 23.53 -5.45 -10.98
C THR A 102 24.40 -5.48 -9.72
N PHE A 103 25.61 -6.01 -9.84
CA PHE A 103 26.57 -6.08 -8.74
C PHE A 103 27.50 -4.87 -8.70
N GLY A 104 27.92 -4.50 -7.49
CA GLY A 104 28.90 -3.43 -7.33
C GLY A 104 30.26 -4.08 -7.58
N GLY A 105 31.34 -3.30 -7.47
CA GLY A 105 32.69 -3.81 -7.75
C GLY A 105 33.38 -4.57 -6.64
N GLY A 106 32.77 -4.58 -5.45
CA GLY A 106 33.32 -5.28 -4.31
C GLY A 106 34.27 -4.49 -3.39
N THR A 107 34.35 -4.90 -2.12
CA THR A 107 35.28 -4.33 -1.14
C THR A 107 35.98 -5.54 -0.55
N LYS A 108 37.30 -5.56 -0.68
CA LYS A 108 38.12 -6.67 -0.17
C LYS A 108 38.48 -6.40 1.28
N LEU A 109 38.13 -7.32 2.17
CA LEU A 109 38.46 -7.15 3.59
C LEU A 109 39.69 -7.98 3.87
N GLU A 110 40.75 -7.32 4.30
CA GLU A 110 42.01 -7.97 4.63
C GLU A 110 42.16 -7.96 6.12
N ILE A 111 42.90 -8.93 6.64
CA ILE A 111 43.11 -9.06 8.08
C ILE A 111 44.54 -8.75 8.49
N LYS A 112 44.67 -7.99 9.57
CA LYS A 112 45.96 -7.65 10.11
C LYS A 112 46.19 -8.59 11.29
N ARG A 113 47.43 -9.04 11.47
CA ARG A 113 47.75 -9.94 12.56
C ARG A 113 49.22 -9.72 12.95
N ALA A 114 49.67 -10.43 13.98
CA ALA A 114 51.05 -10.30 14.45
C ALA A 114 52.05 -10.86 13.45
N ASP A 115 53.23 -10.25 13.39
CA ASP A 115 54.26 -10.70 12.48
C ASP A 115 54.59 -12.16 12.78
N ALA A 116 54.92 -12.93 11.74
CA ALA A 116 55.28 -14.34 11.89
C ALA A 116 56.34 -14.69 10.85
N ALA A 117 57.38 -15.40 11.29
CA ALA A 117 58.47 -15.79 10.40
C ALA A 117 58.08 -16.95 9.49
N PRO A 118 58.61 -16.97 8.26
CA PRO A 118 58.27 -18.06 7.35
C PRO A 118 59.04 -19.33 7.66
N THR A 119 58.49 -20.47 7.21
CA THR A 119 59.15 -21.76 7.36
C THR A 119 59.56 -22.07 5.92
N VAL A 120 60.87 -22.18 5.71
CA VAL A 120 61.44 -22.39 4.38
C VAL A 120 61.89 -23.82 4.09
N SER A 121 61.51 -24.32 2.91
CA SER A 121 61.86 -25.66 2.47
C SER A 121 62.40 -25.57 1.04
N ILE A 122 63.47 -26.30 0.74
CA ILE A 122 64.03 -26.28 -0.61
C ILE A 122 63.92 -27.66 -1.25
N PHE A 123 63.61 -27.69 -2.54
CA PHE A 123 63.46 -28.94 -3.28
C PHE A 123 64.21 -28.96 -4.61
N PRO A 124 65.13 -29.93 -4.78
CA PRO A 124 65.86 -30.00 -6.05
C PRO A 124 64.93 -30.50 -7.16
N PRO A 125 65.29 -30.29 -8.42
CA PRO A 125 64.40 -30.77 -9.50
C PRO A 125 64.16 -32.27 -9.41
N SER A 126 62.96 -32.70 -9.79
CA SER A 126 62.61 -34.12 -9.75
C SER A 126 63.34 -34.85 -10.88
N SER A 127 63.61 -36.14 -10.69
CA SER A 127 64.27 -36.91 -11.77
C SER A 127 63.34 -36.90 -12.98
N GLU A 128 62.04 -36.91 -12.71
CA GLU A 128 61.06 -36.89 -13.79
C GLU A 128 61.25 -35.66 -14.67
N GLN A 129 61.31 -34.47 -14.05
CA GLN A 129 61.48 -33.27 -14.85
C GLN A 129 62.79 -33.31 -15.64
N LEU A 130 63.85 -33.81 -15.04
CA LEU A 130 65.12 -33.90 -15.76
C LEU A 130 64.98 -34.67 -17.09
N THR A 131 64.10 -35.67 -17.13
CA THR A 131 63.95 -36.44 -18.36
C THR A 131 63.32 -35.63 -19.50
N SER A 132 62.73 -34.49 -19.16
CA SER A 132 62.09 -33.61 -20.14
C SER A 132 63.07 -32.51 -20.54
N GLY A 133 64.25 -32.51 -19.93
CA GLY A 133 65.27 -31.54 -20.24
C GLY A 133 65.22 -30.25 -19.43
N GLY A 134 64.27 -30.16 -18.50
CA GLY A 134 64.15 -28.95 -17.68
C GLY A 134 64.55 -29.22 -16.24
N ALA A 135 64.79 -28.15 -15.48
CA ALA A 135 65.18 -28.28 -14.09
C ALA A 135 64.66 -27.12 -13.24
N SER A 136 63.65 -27.39 -12.41
CA SER A 136 63.10 -26.37 -11.52
C SER A 136 63.50 -26.61 -10.09
N VAL A 137 64.12 -25.60 -9.48
CA VAL A 137 64.52 -25.69 -8.09
C VAL A 137 63.43 -24.88 -7.37
N VAL A 138 62.78 -25.50 -6.39
CA VAL A 138 61.68 -24.86 -5.68
C VAL A 138 61.88 -24.62 -4.21
N CYS A 139 61.46 -23.44 -3.75
CA CYS A 139 61.54 -23.11 -2.33
C CYS A 139 60.19 -22.60 -1.88
N PHE A 140 59.63 -23.23 -0.85
CA PHE A 140 58.36 -22.78 -0.28
C PHE A 140 58.66 -21.95 0.98
N LEU A 141 57.94 -20.84 1.14
CA LEU A 141 58.08 -19.95 2.29
C LEU A 141 56.66 -19.96 2.85
N ASN A 142 56.43 -20.77 3.88
CA ASN A 142 55.08 -20.92 4.42
C ASN A 142 54.70 -20.25 5.74
N ASN A 143 53.42 -19.87 5.82
CA ASN A 143 52.79 -19.28 7.00
C ASN A 143 53.46 -18.07 7.65
N PHE A 144 53.68 -17.01 6.88
CA PHE A 144 54.30 -15.80 7.40
C PHE A 144 53.42 -14.56 7.27
N TYR A 145 53.86 -13.47 7.89
CA TYR A 145 53.15 -12.21 7.86
C TYR A 145 54.08 -11.15 8.43
N PRO A 146 54.12 -9.94 7.82
CA PRO A 146 53.36 -9.48 6.66
C PRO A 146 53.73 -10.13 5.33
N LYS A 147 52.96 -9.80 4.30
CA LYS A 147 53.14 -10.33 2.96
C LYS A 147 54.50 -10.06 2.30
N ASP A 148 55.00 -8.83 2.47
CA ASP A 148 56.28 -8.45 1.89
C ASP A 148 57.43 -9.36 2.31
N ILE A 149 58.09 -9.98 1.33
CA ILE A 149 59.21 -10.89 1.61
C ILE A 149 60.13 -10.95 0.39
N ASN A 150 61.42 -11.13 0.65
CA ASN A 150 62.40 -11.18 -0.42
C ASN A 150 63.17 -12.49 -0.48
N VAL A 151 63.25 -13.06 -1.67
CA VAL A 151 64.00 -14.29 -1.89
C VAL A 151 65.14 -14.03 -2.83
N LYS A 152 66.33 -14.50 -2.46
CA LYS A 152 67.52 -14.36 -3.26
C LYS A 152 68.04 -15.77 -3.57
N TRP A 153 68.32 -16.02 -4.84
CA TRP A 153 68.83 -17.32 -5.25
C TRP A 153 70.32 -17.21 -5.54
N LYS A 154 71.05 -18.25 -5.18
CA LYS A 154 72.48 -18.31 -5.43
C LYS A 154 72.89 -19.69 -5.97
N ILE A 155 73.68 -19.69 -7.03
CA ILE A 155 74.17 -20.92 -7.66
C ILE A 155 75.70 -20.89 -7.53
N ASP A 156 76.26 -21.85 -6.81
CA ASP A 156 77.70 -21.90 -6.61
C ASP A 156 78.19 -20.59 -6.03
N GLY A 157 77.39 -20.00 -5.13
CA GLY A 157 77.76 -18.76 -4.50
C GLY A 157 77.41 -17.48 -5.24
N SER A 158 76.99 -17.59 -6.49
CA SER A 158 76.63 -16.41 -7.26
C SER A 158 75.13 -16.16 -7.26
N GLU A 159 74.75 -14.89 -7.22
CA GLU A 159 73.35 -14.50 -7.22
C GLU A 159 72.75 -14.77 -8.61
N ARG A 160 71.58 -15.39 -8.62
CA ARG A 160 70.88 -15.68 -9.87
C ARG A 160 69.53 -14.98 -9.83
N GLN A 161 69.29 -14.05 -10.75
CA GLN A 161 68.00 -13.36 -10.72
C GLN A 161 67.25 -13.50 -12.02
N ASN A 162 67.76 -14.36 -12.89
CA ASN A 162 67.12 -14.64 -14.17
C ASN A 162 66.43 -15.98 -14.07
N GLY A 163 65.22 -16.09 -14.60
CA GLY A 163 64.49 -17.35 -14.54
C GLY A 163 63.86 -17.65 -13.20
N VAL A 164 63.67 -16.62 -12.36
CA VAL A 164 63.06 -16.81 -11.06
C VAL A 164 61.65 -16.22 -11.06
N LEU A 165 60.71 -16.99 -10.52
CA LEU A 165 59.32 -16.56 -10.45
C LEU A 165 58.75 -16.81 -9.06
N ASN A 166 58.13 -15.79 -8.48
CA ASN A 166 57.51 -15.89 -7.16
C ASN A 166 56.00 -15.85 -7.28
N SER A 167 55.32 -16.56 -6.39
CA SER A 167 53.86 -16.62 -6.37
C SER A 167 53.34 -16.75 -4.93
N TRP A 168 52.46 -15.81 -4.54
CA TRP A 168 51.85 -15.76 -3.20
C TRP A 168 50.43 -16.31 -3.14
N THR A 169 50.11 -16.99 -2.03
CA THR A 169 48.78 -17.53 -1.79
C THR A 169 47.94 -16.35 -1.30
N ASP A 170 46.62 -16.51 -1.24
CA ASP A 170 45.77 -15.46 -0.69
C ASP A 170 45.96 -15.61 0.82
N GLN A 171 45.52 -14.64 1.59
CA GLN A 171 45.66 -14.74 3.04
C GLN A 171 44.90 -15.99 3.53
N ASP A 172 45.41 -16.67 4.54
CA ASP A 172 44.73 -17.87 5.06
C ASP A 172 43.48 -17.48 5.83
N SER A 173 42.41 -18.24 5.64
CA SER A 173 41.14 -17.99 6.31
C SER A 173 41.11 -18.33 7.79
N LYS A 174 42.05 -19.15 8.24
CA LYS A 174 42.09 -19.52 9.65
C LYS A 174 43.15 -18.78 10.46
N ASP A 175 44.35 -18.62 9.90
CA ASP A 175 45.39 -17.92 10.65
C ASP A 175 45.91 -16.60 10.06
N SER A 176 45.28 -16.15 8.99
CA SER A 176 45.62 -14.89 8.34
C SER A 176 47.05 -14.73 7.84
N THR A 177 47.79 -15.83 7.73
CA THR A 177 49.16 -15.76 7.24
C THR A 177 49.19 -15.98 5.73
N TYR A 178 50.35 -15.69 5.15
CA TYR A 178 50.58 -15.87 3.72
C TYR A 178 51.60 -16.97 3.52
N SER A 179 51.68 -17.47 2.29
CA SER A 179 52.68 -18.47 1.93
C SER A 179 53.11 -18.08 0.53
N MET A 180 54.32 -18.45 0.14
CA MET A 180 54.80 -18.09 -1.19
C MET A 180 55.79 -19.13 -1.71
N SER A 181 55.83 -19.28 -3.03
CA SER A 181 56.76 -20.23 -3.65
C SER A 181 57.72 -19.42 -4.51
N SER A 182 58.98 -19.83 -4.53
CA SER A 182 59.97 -19.15 -5.36
C SER A 182 60.56 -20.28 -6.20
N THR A 183 60.44 -20.14 -7.51
CA THR A 183 60.91 -21.20 -8.41
C THR A 183 61.93 -20.69 -9.41
N LEU A 184 63.07 -21.36 -9.42
CA LEU A 184 64.18 -21.05 -10.32
C LEU A 184 64.20 -22.14 -11.37
N THR A 185 63.95 -21.78 -12.63
CA THR A 185 63.93 -22.78 -13.68
C THR A 185 65.06 -22.64 -14.66
N LEU A 186 65.81 -23.74 -14.80
CA LEU A 186 66.96 -23.80 -15.68
C LEU A 186 66.78 -25.00 -16.61
N THR A 187 67.71 -25.15 -17.54
CA THR A 187 67.67 -26.29 -18.44
C THR A 187 68.42 -27.35 -17.66
N LYS A 188 68.24 -28.62 -18.03
CA LYS A 188 68.93 -29.68 -17.32
C LYS A 188 70.45 -29.49 -17.45
N ASP A 189 70.91 -29.14 -18.64
CA ASP A 189 72.33 -28.92 -18.88
C ASP A 189 72.95 -27.86 -17.97
N GLU A 190 72.32 -26.70 -17.86
CA GLU A 190 72.88 -25.68 -16.97
C GLU A 190 72.82 -26.14 -15.53
N TYR A 191 71.72 -26.77 -15.15
CA TYR A 191 71.57 -27.27 -13.79
C TYR A 191 72.70 -28.23 -13.45
N GLU A 192 73.05 -29.07 -14.40
CA GLU A 192 74.09 -30.05 -14.14
C GLU A 192 75.53 -29.53 -14.21
N ARG A 193 75.72 -28.26 -14.58
CA ARG A 193 77.09 -27.75 -14.61
C ARG A 193 77.37 -26.89 -13.39
N HIS A 194 76.53 -27.02 -12.36
CA HIS A 194 76.70 -26.27 -11.12
C HIS A 194 76.50 -27.21 -9.94
N ASN A 195 76.94 -26.77 -8.76
CA ASN A 195 76.85 -27.60 -7.58
C ASN A 195 75.88 -27.09 -6.50
N SER A 196 76.22 -25.96 -5.90
CA SER A 196 75.41 -25.40 -4.83
C SER A 196 74.20 -24.58 -5.28
N TYR A 197 73.05 -24.89 -4.70
CA TYR A 197 71.81 -24.18 -5.00
C TYR A 197 71.25 -23.72 -3.66
N THR A 198 71.05 -22.41 -3.53
CA THR A 198 70.55 -21.84 -2.28
C THR A 198 69.48 -20.80 -2.48
N CYS A 199 68.48 -20.81 -1.60
CA CYS A 199 67.45 -19.79 -1.64
C CYS A 199 67.54 -19.13 -0.25
N GLU A 200 67.56 -17.81 -0.23
CA GLU A 200 67.67 -17.04 1.01
C GLU A 200 66.44 -16.15 1.19
N ALA A 201 65.76 -16.31 2.32
CA ALA A 201 64.55 -15.52 2.56
C ALA A 201 64.78 -14.43 3.59
N THR A 202 64.53 -13.20 3.17
CA THR A 202 64.70 -12.06 4.04
C THR A 202 63.31 -11.50 4.33
N HIS A 203 62.94 -11.52 5.61
CA HIS A 203 61.65 -11.04 6.04
C HIS A 203 61.80 -10.13 7.25
N LYS A 204 60.84 -9.23 7.41
CA LYS A 204 60.78 -8.25 8.50
C LYS A 204 61.06 -8.86 9.88
N THR A 205 60.62 -10.09 10.10
CA THR A 205 60.79 -10.77 11.38
C THR A 205 62.22 -11.02 11.85
N SER A 206 63.19 -10.80 10.98
CA SER A 206 64.58 -11.02 11.38
C SER A 206 65.54 -10.26 10.50
N THR A 207 66.69 -9.92 11.09
CA THR A 207 67.71 -9.19 10.37
C THR A 207 68.57 -10.14 9.53
N SER A 208 68.61 -11.40 9.94
CA SER A 208 69.37 -12.43 9.23
C SER A 208 68.47 -13.31 8.38
N PRO A 209 68.82 -13.49 7.09
CA PRO A 209 68.01 -14.31 6.19
C PRO A 209 67.93 -15.77 6.58
N ILE A 210 66.85 -16.43 6.17
CA ILE A 210 66.69 -17.85 6.43
C ILE A 210 67.20 -18.48 5.13
N VAL A 211 68.26 -19.28 5.24
CA VAL A 211 68.85 -19.90 4.06
C VAL A 211 68.64 -21.40 4.01
N LYS A 212 68.35 -21.89 2.81
CA LYS A 212 68.18 -23.32 2.58
C LYS A 212 68.93 -23.66 1.31
N SER A 213 69.60 -24.79 1.30
CA SER A 213 70.33 -25.18 0.10
C SER A 213 70.70 -26.66 0.10
N PHE A 214 71.18 -27.11 -1.05
CA PHE A 214 71.64 -28.48 -1.21
C PHE A 214 72.79 -28.38 -2.19
N ASN A 215 73.58 -29.44 -2.29
CA ASN A 215 74.72 -29.41 -3.19
C ASN A 215 74.62 -30.09 -4.54
N ARG A 216 73.68 -31.01 -4.70
CA ARG A 216 73.51 -31.70 -5.99
C ARG A 216 74.57 -32.80 -6.11
N ASN A 217 75.79 -32.50 -5.68
CA ASN A 217 76.88 -33.47 -5.73
C ASN A 217 76.78 -34.40 -4.53
N GLU A 218 75.97 -33.99 -3.56
CA GLU A 218 75.76 -34.78 -2.35
C GLU A 218 74.41 -35.46 -2.46
N CYS A 219 73.79 -35.30 -3.63
CA CYS A 219 72.49 -35.89 -3.90
C CYS A 219 72.57 -37.40 -3.94
N GLU B 1 18.26 -30.88 0.62
CA GLU B 1 19.49 -30.09 0.36
C GLU B 1 19.50 -29.60 -1.09
N VAL B 2 19.60 -28.29 -1.28
CA VAL B 2 19.63 -27.69 -2.63
C VAL B 2 20.99 -27.93 -3.25
N ILE B 3 20.97 -28.44 -4.48
CA ILE B 3 22.16 -28.76 -5.23
C ILE B 3 22.09 -28.18 -6.64
N LEU B 4 23.10 -27.38 -6.99
CA LEU B 4 23.21 -26.76 -8.32
C LEU B 4 24.59 -27.19 -8.84
N VAL B 5 24.64 -27.78 -10.02
CA VAL B 5 25.92 -28.22 -10.57
C VAL B 5 26.10 -27.81 -12.01
N GLU B 6 27.07 -26.93 -12.26
CA GLU B 6 27.32 -26.47 -13.62
C GLU B 6 28.29 -27.38 -14.36
N SER B 7 28.10 -27.50 -15.66
CA SER B 7 29.02 -28.27 -16.51
C SER B 7 29.03 -27.65 -17.90
N GLY B 8 30.00 -28.03 -18.71
CA GLY B 8 30.09 -27.51 -20.06
C GLY B 8 31.27 -26.59 -20.29
N GLY B 9 31.89 -26.10 -19.22
CA GLY B 9 33.02 -25.22 -19.35
C GLY B 9 34.22 -25.85 -20.04
N GLY B 10 35.11 -25.02 -20.57
CA GLY B 10 36.28 -25.54 -21.25
C GLY B 10 36.91 -24.44 -22.06
N LEU B 11 37.77 -24.83 -23.00
CA LEU B 11 38.45 -23.86 -23.86
C LEU B 11 37.67 -23.68 -25.16
N VAL B 12 37.42 -22.43 -25.56
CA VAL B 12 36.68 -22.13 -26.79
C VAL B 12 37.51 -21.15 -27.60
N GLN B 13 37.54 -21.30 -28.93
CA GLN B 13 38.32 -20.36 -29.73
C GLN B 13 37.52 -19.10 -29.94
N PRO B 14 38.20 -17.97 -30.15
CA PRO B 14 37.44 -16.72 -30.37
C PRO B 14 36.45 -16.93 -31.51
N GLY B 15 35.25 -16.36 -31.35
CA GLY B 15 34.21 -16.49 -32.36
C GLY B 15 33.42 -17.77 -32.20
N GLY B 16 33.89 -18.63 -31.31
CA GLY B 16 33.22 -19.91 -31.08
C GLY B 16 31.99 -19.78 -30.19
N SER B 17 31.30 -20.90 -29.99
CA SER B 17 30.11 -20.90 -29.17
C SER B 17 30.19 -22.01 -28.15
N LEU B 18 29.41 -21.88 -27.08
CA LEU B 18 29.44 -22.88 -26.05
C LEU B 18 28.11 -22.92 -25.33
N ARG B 19 27.72 -24.11 -24.92
CA ARG B 19 26.48 -24.28 -24.18
C ARG B 19 26.80 -24.83 -22.81
N LEU B 20 26.40 -24.10 -21.77
CA LEU B 20 26.61 -24.52 -20.40
C LEU B 20 25.33 -25.13 -19.85
N SER B 21 25.49 -26.10 -18.95
CA SER B 21 24.36 -26.76 -18.30
C SER B 21 24.42 -26.60 -16.80
N CYS B 22 23.25 -26.63 -16.17
CA CYS B 22 23.15 -26.57 -14.73
C CYS B 22 22.10 -27.57 -14.24
N SER B 23 22.55 -28.63 -13.60
CA SER B 23 21.63 -29.63 -13.09
C SER B 23 21.20 -29.16 -11.72
N THR B 24 19.93 -29.36 -11.38
CA THR B 24 19.44 -28.94 -10.08
C THR B 24 18.65 -30.03 -9.38
N SER B 25 18.64 -30.01 -8.05
CA SER B 25 17.88 -30.99 -7.26
C SER B 25 17.67 -30.44 -5.86
N GLY B 26 16.67 -30.98 -5.16
CA GLY B 26 16.43 -30.53 -3.80
C GLY B 26 15.39 -29.45 -3.59
N PHE B 27 14.80 -28.96 -4.67
CA PHE B 27 13.77 -27.94 -4.57
C PHE B 27 12.88 -28.01 -5.81
N THR B 28 11.72 -27.37 -5.76
CA THR B 28 10.78 -27.37 -6.89
C THR B 28 11.27 -26.35 -7.92
N PHE B 29 12.06 -26.82 -8.87
CA PHE B 29 12.66 -26.00 -9.94
C PHE B 29 11.73 -24.94 -10.54
N THR B 30 10.55 -25.34 -10.98
CA THR B 30 9.61 -24.40 -11.62
C THR B 30 9.10 -23.22 -10.75
N ASP B 31 9.21 -23.29 -9.44
CA ASP B 31 8.74 -22.18 -8.61
C ASP B 31 9.74 -21.02 -8.59
N TYR B 32 10.94 -21.26 -9.10
CA TYR B 32 12.00 -20.26 -9.03
C TYR B 32 12.51 -19.60 -10.30
N TYR B 33 12.85 -18.33 -10.13
CA TYR B 33 13.53 -17.55 -11.16
C TYR B 33 14.94 -18.15 -11.05
N MET B 34 15.67 -18.28 -12.17
CA MET B 34 17.05 -18.79 -12.12
C MET B 34 17.93 -17.79 -12.88
N SER B 35 19.09 -17.47 -12.32
CA SER B 35 20.01 -16.53 -12.97
C SER B 35 21.35 -17.13 -13.29
N TRP B 36 22.09 -16.50 -14.21
CA TRP B 36 23.46 -16.89 -14.48
C TRP B 36 24.29 -15.66 -14.12
N VAL B 37 25.40 -15.87 -13.42
CA VAL B 37 26.32 -14.81 -13.00
C VAL B 37 27.74 -15.29 -13.36
N ARG B 38 28.61 -14.41 -13.86
CA ARG B 38 29.96 -14.85 -14.20
C ARG B 38 30.99 -14.03 -13.46
N GLN B 39 32.23 -14.52 -13.47
CA GLN B 39 33.30 -13.79 -12.79
C GLN B 39 34.66 -14.04 -13.40
N PRO B 40 35.21 -13.02 -14.06
CA PRO B 40 36.54 -13.17 -14.67
C PRO B 40 37.53 -13.37 -13.52
N PRO B 41 38.65 -14.05 -13.78
CA PRO B 41 39.62 -14.27 -12.70
C PRO B 41 40.02 -12.94 -12.03
N GLY B 42 39.95 -12.90 -10.70
CA GLY B 42 40.33 -11.69 -9.97
C GLY B 42 39.43 -10.46 -10.16
N LYS B 43 38.27 -10.63 -10.78
CA LYS B 43 37.38 -9.49 -11.00
C LYS B 43 36.02 -9.66 -10.31
N ALA B 44 35.14 -8.67 -10.49
CA ALA B 44 33.85 -8.69 -9.84
C ALA B 44 32.83 -9.60 -10.49
N LEU B 45 31.81 -9.93 -9.70
CA LEU B 45 30.69 -10.74 -10.16
C LEU B 45 29.90 -9.91 -11.17
N GLU B 46 29.34 -10.54 -12.20
CA GLU B 46 28.53 -9.85 -13.21
C GLU B 46 27.26 -10.64 -13.53
N TRP B 47 26.11 -10.01 -13.31
CA TRP B 47 24.84 -10.69 -13.60
C TRP B 47 24.64 -10.68 -15.11
N LEU B 48 24.27 -11.83 -15.68
CA LEU B 48 24.11 -11.97 -17.13
C LEU B 48 22.66 -12.00 -17.59
N GLY B 49 21.80 -12.62 -16.78
CA GLY B 49 20.39 -12.68 -17.12
C GLY B 49 19.66 -13.70 -16.25
N PHE B 50 18.34 -13.74 -16.42
CA PHE B 50 17.53 -14.72 -15.70
C PHE B 50 16.37 -15.23 -16.53
N ILE B 51 15.75 -16.29 -16.03
CA ILE B 51 14.57 -16.82 -16.67
C ILE B 51 13.60 -16.95 -15.49
N ARG B 52 12.44 -16.35 -15.66
CA ARG B 52 11.46 -16.33 -14.59
C ARG B 52 10.81 -17.67 -14.29
N ASN B 53 10.00 -17.71 -13.24
CA ASN B 53 9.35 -18.96 -12.83
C ASN B 53 8.05 -19.25 -13.55
N LYS B 54 7.35 -20.28 -13.08
CA LYS B 54 6.10 -20.73 -13.68
C LYS B 54 4.98 -19.69 -13.73
N PRO B 55 4.63 -19.08 -12.58
CA PRO B 55 3.56 -18.09 -12.55
C PRO B 55 3.83 -16.93 -13.52
N LYS B 56 5.11 -16.57 -13.67
CA LYS B 56 5.49 -15.48 -14.57
C LYS B 56 5.71 -15.93 -16.02
N GLY B 57 5.43 -17.20 -16.30
CA GLY B 57 5.59 -17.68 -17.66
C GLY B 57 7.00 -17.95 -18.17
N TYR B 58 7.97 -18.07 -17.28
CA TYR B 58 9.34 -18.42 -17.70
C TYR B 58 9.99 -17.44 -18.69
N THR B 59 9.61 -16.18 -18.64
CA THR B 59 10.15 -15.18 -19.55
C THR B 59 11.61 -14.87 -19.23
N THR B 60 12.37 -14.49 -20.25
CA THR B 60 13.79 -14.22 -20.09
C THR B 60 14.16 -12.73 -20.18
N GLU B 61 15.27 -12.35 -19.53
CA GLU B 61 15.76 -10.97 -19.61
C GLU B 61 17.29 -11.09 -19.51
N TYR B 62 17.98 -10.14 -20.10
CA TYR B 62 19.45 -10.19 -20.15
C TYR B 62 20.12 -8.87 -19.82
N SER B 63 21.39 -8.97 -19.40
CA SER B 63 22.20 -7.81 -19.11
C SER B 63 22.55 -7.16 -20.45
N ALA B 64 22.68 -5.85 -20.49
CA ALA B 64 23.04 -5.19 -21.75
C ALA B 64 24.35 -5.77 -22.30
N SER B 65 25.25 -6.19 -21.39
CA SER B 65 26.54 -6.74 -21.80
C SER B 65 26.48 -8.00 -22.65
N VAL B 66 25.44 -8.82 -22.47
CA VAL B 66 25.38 -10.02 -23.30
C VAL B 66 24.07 -10.17 -24.07
N LYS B 67 23.13 -9.26 -23.86
CA LYS B 67 21.83 -9.31 -24.55
C LYS B 67 22.07 -9.32 -26.06
N GLY B 68 21.55 -10.34 -26.73
CA GLY B 68 21.74 -10.46 -28.17
C GLY B 68 22.80 -11.48 -28.49
N ARG B 69 23.58 -11.86 -27.49
CA ARG B 69 24.67 -12.81 -27.70
C ARG B 69 24.54 -14.09 -26.87
N PHE B 70 24.03 -13.99 -25.65
CA PHE B 70 23.81 -15.16 -24.79
C PHE B 70 22.30 -15.32 -24.58
N THR B 71 21.83 -16.57 -24.50
CA THR B 71 20.42 -16.82 -24.22
C THR B 71 20.34 -17.87 -23.14
N ILE B 72 19.23 -17.85 -22.40
CA ILE B 72 19.03 -18.79 -21.30
C ILE B 72 17.77 -19.59 -21.59
N SER B 73 17.77 -20.87 -21.23
CA SER B 73 16.55 -21.67 -21.41
C SER B 73 16.47 -22.66 -20.26
N ARG B 74 15.32 -23.29 -20.07
CA ARG B 74 15.20 -24.26 -18.99
C ARG B 74 14.38 -25.47 -19.40
N ASP B 75 14.78 -26.66 -18.96
CA ASP B 75 14.05 -27.90 -19.25
C ASP B 75 13.30 -28.17 -17.93
N ASN B 76 12.01 -27.87 -17.94
CA ASN B 76 11.20 -28.02 -16.74
C ASN B 76 10.85 -29.46 -16.34
N SER B 77 11.08 -30.41 -17.24
CA SER B 77 10.79 -31.79 -16.86
C SER B 77 12.03 -32.38 -16.18
N GLN B 78 13.23 -32.01 -16.65
CA GLN B 78 14.45 -32.51 -16.05
C GLN B 78 15.03 -31.56 -14.98
N SER B 79 14.51 -30.35 -14.89
CA SER B 79 15.01 -29.38 -13.90
C SER B 79 16.46 -29.02 -14.19
N ILE B 80 16.72 -28.64 -15.45
CA ILE B 80 18.07 -28.26 -15.87
C ILE B 80 18.02 -26.85 -16.47
N LEU B 81 19.01 -26.03 -16.14
CA LEU B 81 19.09 -24.66 -16.66
C LEU B 81 20.24 -24.62 -17.66
N TYR B 82 20.10 -23.83 -18.72
CA TYR B 82 21.13 -23.74 -19.74
C TYR B 82 21.49 -22.30 -20.01
N LEU B 83 22.70 -22.11 -20.55
CA LEU B 83 23.18 -20.81 -20.99
C LEU B 83 23.86 -21.06 -22.33
N GLN B 84 23.28 -20.52 -23.42
CA GLN B 84 23.88 -20.66 -24.75
C GLN B 84 24.73 -19.41 -24.96
N MET B 85 26.04 -19.58 -25.14
CA MET B 85 26.95 -18.46 -25.35
C MET B 85 27.48 -18.43 -26.78
N ASN B 86 27.17 -17.37 -27.52
CA ASN B 86 27.61 -17.26 -28.92
C ASN B 86 28.66 -16.20 -29.15
N THR B 87 29.36 -16.35 -30.28
CA THR B 87 30.38 -15.41 -30.74
C THR B 87 31.25 -14.91 -29.59
N LEU B 88 31.97 -15.83 -28.96
CA LEU B 88 32.79 -15.49 -27.80
C LEU B 88 34.08 -14.76 -28.09
N ARG B 89 34.53 -14.02 -27.10
CA ARG B 89 35.80 -13.28 -27.20
C ARG B 89 36.50 -13.34 -25.83
N ALA B 90 37.79 -12.99 -25.80
CA ALA B 90 38.60 -13.04 -24.58
C ALA B 90 37.90 -12.58 -23.31
N GLU B 91 37.24 -11.42 -23.42
CA GLU B 91 36.50 -10.80 -22.33
C GLU B 91 35.46 -11.72 -21.68
N ASP B 92 35.07 -12.78 -22.40
CA ASP B 92 34.08 -13.72 -21.88
C ASP B 92 34.70 -14.82 -21.03
N SER B 93 36.03 -14.83 -20.93
CA SER B 93 36.71 -15.83 -20.13
C SER B 93 36.32 -15.59 -18.67
N ALA B 94 35.77 -16.60 -18.01
CA ALA B 94 35.36 -16.41 -16.63
C ALA B 94 34.77 -17.68 -16.06
N THR B 95 34.51 -17.63 -14.76
CA THR B 95 33.82 -18.73 -14.10
C THR B 95 32.35 -18.36 -14.18
N TYR B 96 31.54 -19.30 -14.66
CA TYR B 96 30.10 -19.11 -14.83
C TYR B 96 29.33 -19.86 -13.76
N TYR B 97 28.53 -19.11 -13.01
CA TYR B 97 27.70 -19.63 -11.93
C TYR B 97 26.22 -19.70 -12.24
N CYS B 98 25.62 -20.82 -11.85
CA CYS B 98 24.20 -21.11 -11.93
C CYS B 98 23.73 -20.65 -10.54
N VAL B 99 22.65 -19.86 -10.44
CA VAL B 99 22.18 -19.40 -9.15
C VAL B 99 20.65 -19.43 -8.99
N ARG B 100 20.15 -19.86 -7.84
CA ARG B 100 18.70 -19.86 -7.62
C ARG B 100 18.34 -18.44 -7.20
N ASP B 101 17.38 -17.84 -7.91
CA ASP B 101 16.95 -16.47 -7.66
C ASP B 101 15.63 -16.52 -6.89
N ILE B 102 14.86 -15.42 -6.90
CA ILE B 102 13.60 -15.36 -6.14
C ILE B 102 12.49 -16.31 -6.62
N TYR B 103 11.52 -16.55 -5.74
CA TYR B 103 10.37 -17.35 -6.15
C TYR B 103 9.13 -16.45 -6.09
N SER B 104 9.27 -15.29 -5.44
CA SER B 104 8.19 -14.31 -5.37
C SER B 104 8.70 -12.99 -4.80
N PHE B 105 8.10 -11.90 -5.23
CA PHE B 105 8.51 -10.55 -4.83
C PHE B 105 8.26 -10.19 -3.37
N GLY B 106 7.15 -10.66 -2.80
CA GLY B 106 6.85 -10.29 -1.42
C GLY B 106 7.41 -11.18 -0.33
N SER B 107 7.87 -12.36 -0.71
CA SER B 107 8.40 -13.34 0.24
C SER B 107 9.78 -13.08 0.84
N ARG B 108 10.74 -12.81 -0.03
CA ARG B 108 12.13 -12.57 0.38
C ARG B 108 12.86 -12.20 -0.91
N ASP B 109 14.17 -12.05 -0.86
CA ASP B 109 14.95 -11.70 -2.07
C ASP B 109 16.34 -12.32 -1.91
N GLY B 110 17.14 -12.18 -2.97
CA GLY B 110 18.50 -12.69 -2.89
C GLY B 110 18.73 -14.00 -3.63
N MET B 111 19.97 -14.16 -4.07
CA MET B 111 20.36 -15.38 -4.75
C MET B 111 20.90 -16.26 -3.62
N ASP B 112 20.03 -17.10 -3.06
CA ASP B 112 20.41 -17.92 -1.91
C ASP B 112 21.25 -19.18 -2.12
N TYR B 113 21.24 -19.72 -3.34
CA TYR B 113 22.07 -20.88 -3.64
C TYR B 113 22.86 -20.66 -4.92
N TRP B 114 24.13 -21.05 -4.90
CA TRP B 114 25.02 -20.93 -6.02
C TRP B 114 25.75 -22.26 -6.28
N GLY B 115 26.00 -22.55 -7.55
CA GLY B 115 26.76 -23.75 -7.87
C GLY B 115 28.24 -23.43 -7.62
N GLN B 116 29.11 -24.40 -7.89
CA GLN B 116 30.55 -24.19 -7.69
C GLN B 116 31.12 -23.40 -8.88
N GLY B 117 30.35 -23.38 -9.98
CA GLY B 117 30.75 -22.68 -11.19
C GLY B 117 31.59 -23.51 -12.14
N THR B 118 31.60 -23.14 -13.40
CA THR B 118 32.40 -23.84 -14.40
C THR B 118 33.18 -22.82 -15.16
N SER B 119 34.48 -23.08 -15.34
CA SER B 119 35.37 -22.15 -16.00
C SER B 119 35.33 -22.23 -17.53
N VAL B 120 35.36 -21.06 -18.17
CA VAL B 120 35.39 -20.96 -19.63
C VAL B 120 36.56 -20.05 -19.98
N THR B 121 37.37 -20.48 -20.94
CA THR B 121 38.51 -19.70 -21.39
C THR B 121 38.35 -19.54 -22.90
N VAL B 122 38.40 -18.29 -23.38
CA VAL B 122 38.31 -18.02 -24.81
C VAL B 122 39.72 -17.66 -25.26
N SER B 123 40.29 -18.50 -26.10
CA SER B 123 41.66 -18.28 -26.57
C SER B 123 41.95 -19.10 -27.82
N SER B 124 42.96 -18.69 -28.58
CA SER B 124 43.34 -19.43 -29.78
C SER B 124 44.45 -20.44 -29.44
N ALA B 125 44.95 -20.39 -28.21
CA ALA B 125 46.03 -21.29 -27.79
C ALA B 125 45.49 -22.71 -27.67
N LYS B 126 46.39 -23.70 -27.78
CA LYS B 126 46.02 -25.10 -27.72
C LYS B 126 45.95 -25.72 -26.34
N THR B 127 44.92 -26.53 -26.12
CA THR B 127 44.74 -27.26 -24.87
C THR B 127 45.98 -28.11 -24.72
N THR B 128 46.62 -28.00 -23.57
CA THR B 128 47.83 -28.76 -23.32
C THR B 128 47.76 -29.39 -21.95
N PRO B 129 47.95 -30.72 -21.87
CA PRO B 129 47.89 -31.41 -20.58
C PRO B 129 49.12 -31.08 -19.72
N PRO B 130 48.97 -31.18 -18.40
CA PRO B 130 50.10 -30.86 -17.52
C PRO B 130 51.06 -32.02 -17.31
N SER B 131 52.24 -31.68 -16.80
CA SER B 131 53.23 -32.66 -16.40
C SER B 131 53.23 -32.46 -14.88
N VAL B 132 53.15 -33.55 -14.12
CA VAL B 132 53.12 -33.45 -12.66
C VAL B 132 54.40 -34.05 -12.11
N TYR B 133 55.16 -33.24 -11.38
CA TYR B 133 56.43 -33.67 -10.82
C TYR B 133 56.39 -33.68 -9.29
N PRO B 134 56.75 -34.83 -8.68
CA PRO B 134 56.75 -34.97 -7.23
C PRO B 134 57.96 -34.29 -6.61
N LEU B 135 57.74 -33.52 -5.56
CA LEU B 135 58.85 -32.84 -4.89
C LEU B 135 59.08 -33.41 -3.50
N ALA B 136 60.12 -34.20 -3.38
CA ALA B 136 60.48 -34.80 -2.11
C ALA B 136 61.71 -34.07 -1.62
N PRO B 137 61.98 -34.13 -0.32
CA PRO B 137 63.16 -33.47 0.25
C PRO B 137 64.43 -34.02 -0.37
N GLY B 138 65.46 -33.17 -0.48
CA GLY B 138 66.72 -33.66 -1.02
C GLY B 138 67.33 -34.52 0.06
N SER B 139 68.43 -35.21 -0.24
CA SER B 139 69.08 -36.04 0.77
C SER B 139 69.71 -35.14 1.84
N ALA B 140 68.87 -34.50 2.63
CA ALA B 140 69.30 -33.61 3.71
C ALA B 140 68.10 -33.31 4.60
N ALA B 141 68.00 -34.06 5.69
CA ALA B 141 66.90 -33.92 6.64
C ALA B 141 66.87 -32.62 7.44
N GLN B 142 67.89 -32.42 8.27
CA GLN B 142 67.97 -31.23 9.13
C GLN B 142 66.95 -31.35 10.26
N THR B 143 66.83 -30.30 11.07
CA THR B 143 65.89 -30.28 12.21
C THR B 143 64.53 -30.87 11.83
N ASN B 144 64.37 -32.17 12.06
CA ASN B 144 63.13 -32.87 11.76
C ASN B 144 62.03 -32.64 12.78
N SER B 145 60.86 -33.18 12.45
CA SER B 145 59.64 -33.10 13.27
C SER B 145 58.50 -33.12 12.27
N MET B 146 58.48 -32.09 11.42
CA MET B 146 57.48 -31.97 10.38
C MET B 146 58.20 -32.04 9.04
N VAL B 147 57.53 -32.58 8.04
CA VAL B 147 58.13 -32.68 6.73
C VAL B 147 57.19 -32.01 5.73
N THR B 148 57.77 -31.27 4.80
CA THR B 148 56.98 -30.61 3.78
C THR B 148 57.32 -31.26 2.44
N LEU B 149 56.28 -31.59 1.66
CA LEU B 149 56.44 -32.20 0.36
C LEU B 149 55.66 -31.32 -0.60
N GLY B 150 55.77 -31.58 -1.89
CA GLY B 150 55.01 -30.77 -2.82
C GLY B 150 54.93 -31.39 -4.19
N CYS B 151 54.19 -30.77 -5.08
CA CYS B 151 54.18 -31.27 -6.43
C CYS B 151 54.03 -30.09 -7.37
N LEU B 152 54.83 -30.14 -8.42
CA LEU B 152 54.91 -29.11 -9.44
C LEU B 152 54.07 -29.50 -10.63
N VAL B 153 53.13 -28.63 -11.02
CA VAL B 153 52.25 -28.90 -12.15
C VAL B 153 52.69 -27.91 -13.21
N LYS B 154 53.28 -28.41 -14.29
CA LYS B 154 53.84 -27.52 -15.28
C LYS B 154 53.42 -27.70 -16.72
N GLY B 155 53.42 -26.58 -17.46
CA GLY B 155 53.12 -26.60 -18.88
C GLY B 155 51.73 -26.96 -19.36
N TYR B 156 50.70 -26.49 -18.66
CA TYR B 156 49.34 -26.83 -19.08
C TYR B 156 48.54 -25.61 -19.55
N PHE B 157 47.45 -25.89 -20.26
CA PHE B 157 46.55 -24.83 -20.73
C PHE B 157 45.23 -25.47 -21.14
N PRO B 158 44.11 -24.81 -20.79
CA PRO B 158 44.00 -23.54 -20.06
C PRO B 158 43.89 -23.83 -18.56
N GLU B 159 43.68 -22.77 -17.77
CA GLU B 159 43.44 -22.96 -16.35
C GLU B 159 42.00 -23.44 -16.36
N PRO B 160 41.53 -24.08 -15.27
CA PRO B 160 42.25 -24.37 -14.04
C PRO B 160 42.71 -25.81 -13.94
N VAL B 161 43.49 -26.06 -12.90
CA VAL B 161 43.99 -27.37 -12.55
C VAL B 161 43.56 -27.50 -11.09
N THR B 162 43.13 -28.69 -10.68
CA THR B 162 42.74 -28.90 -9.28
C THR B 162 43.76 -29.82 -8.63
N VAL B 163 44.26 -29.41 -7.46
CA VAL B 163 45.23 -30.24 -6.75
C VAL B 163 44.74 -30.62 -5.36
N THR B 164 44.77 -31.91 -5.06
CA THR B 164 44.40 -32.37 -3.72
C THR B 164 45.51 -33.29 -3.30
N TRP B 165 45.54 -33.68 -2.03
CA TRP B 165 46.60 -34.56 -1.62
C TRP B 165 46.18 -36.00 -1.39
N ASN B 166 45.74 -36.40 -0.22
CA ASN B 166 45.34 -37.80 -0.19
C ASN B 166 43.84 -37.86 -0.47
N SER B 167 43.48 -37.37 -1.65
CA SER B 167 42.11 -37.31 -2.12
C SER B 167 41.33 -36.33 -1.27
N GLY B 168 42.04 -35.39 -0.65
CA GLY B 168 41.41 -34.39 0.18
C GLY B 168 41.64 -34.67 1.66
N SER B 169 42.01 -35.91 1.97
CA SER B 169 42.26 -36.30 3.35
C SER B 169 43.24 -35.36 4.02
N LEU B 170 44.27 -34.98 3.28
CA LEU B 170 45.32 -34.10 3.81
C LEU B 170 45.01 -32.61 3.84
N SER B 171 43.74 -32.25 3.72
CA SER B 171 43.37 -30.83 3.79
C SER B 171 44.07 -30.26 5.02
N SER B 172 44.19 -28.94 5.10
CA SER B 172 44.89 -28.31 6.23
C SER B 172 46.35 -28.72 6.08
N GLY B 173 47.26 -27.77 6.23
CA GLY B 173 48.65 -28.10 6.06
C GLY B 173 48.98 -28.08 4.58
N VAL B 174 47.97 -27.78 3.76
CA VAL B 174 48.12 -27.70 2.30
C VAL B 174 48.05 -26.27 1.79
N HIS B 175 48.98 -25.92 0.90
CA HIS B 175 49.01 -24.60 0.30
C HIS B 175 49.18 -24.76 -1.21
N THR B 176 48.23 -24.27 -1.99
CA THR B 176 48.37 -24.38 -3.45
C THR B 176 48.48 -22.98 -4.02
N PHE B 177 49.64 -22.71 -4.62
CA PHE B 177 49.96 -21.42 -5.16
C PHE B 177 49.25 -21.10 -6.47
N PRO B 178 48.96 -19.81 -6.70
CA PRO B 178 48.29 -19.37 -7.92
C PRO B 178 49.12 -19.70 -9.15
N ALA B 179 48.45 -20.17 -10.19
CA ALA B 179 49.16 -20.50 -11.42
C ALA B 179 49.76 -19.25 -12.06
N VAL B 180 50.86 -19.42 -12.77
CA VAL B 180 51.51 -18.33 -13.45
C VAL B 180 51.49 -18.67 -14.94
N LEU B 181 50.97 -17.77 -15.77
CA LEU B 181 50.91 -18.00 -17.22
C LEU B 181 52.18 -17.55 -17.91
N GLN B 182 52.87 -18.51 -18.53
CA GLN B 182 54.11 -18.22 -19.24
C GLN B 182 53.94 -18.61 -20.70
N SER B 183 54.05 -17.61 -21.59
CA SER B 183 53.85 -17.84 -23.02
C SER B 183 52.36 -18.09 -23.11
N ASP B 184 52.00 -19.35 -23.37
CA ASP B 184 50.60 -19.76 -23.45
C ASP B 184 50.43 -20.96 -22.52
N LEU B 185 51.36 -21.13 -21.57
CA LEU B 185 51.32 -22.26 -20.64
C LEU B 185 51.48 -21.88 -19.16
N TYR B 186 50.67 -22.53 -18.33
CA TYR B 186 50.63 -22.30 -16.88
C TYR B 186 51.46 -23.27 -16.07
N THR B 187 51.92 -22.80 -14.91
CA THR B 187 52.68 -23.63 -13.98
C THR B 187 52.25 -23.22 -12.57
N LEU B 188 52.09 -24.19 -11.70
CA LEU B 188 51.77 -23.91 -10.31
C LEU B 188 52.41 -25.01 -9.48
N SER B 189 52.38 -24.86 -8.17
CA SER B 189 52.94 -25.87 -7.30
C SER B 189 52.04 -25.95 -6.08
N SER B 190 52.16 -27.02 -5.32
CA SER B 190 51.36 -27.21 -4.13
C SER B 190 52.25 -27.83 -3.07
N SER B 191 52.07 -27.42 -1.82
CA SER B 191 52.87 -27.99 -0.74
C SER B 191 51.95 -28.55 0.32
N VAL B 192 52.41 -29.57 1.00
CA VAL B 192 51.63 -30.18 2.07
C VAL B 192 52.63 -30.46 3.17
N THR B 193 52.20 -30.24 4.41
CA THR B 193 53.07 -30.48 5.55
C THR B 193 52.44 -31.53 6.44
N VAL B 194 53.23 -32.52 6.84
CA VAL B 194 52.73 -33.58 7.70
C VAL B 194 53.82 -33.94 8.71
N PRO B 195 53.44 -34.59 9.82
CA PRO B 195 54.48 -34.96 10.79
C PRO B 195 55.39 -36.01 10.17
N SER B 196 56.68 -35.94 10.49
CA SER B 196 57.67 -36.86 9.96
C SER B 196 57.38 -38.33 10.25
N SER B 197 56.49 -38.59 11.20
CA SER B 197 56.12 -39.95 11.57
C SER B 197 55.04 -40.48 10.64
N THR B 198 54.60 -39.62 9.71
CA THR B 198 53.57 -39.97 8.75
C THR B 198 54.20 -40.34 7.41
N TRP B 199 55.21 -39.56 7.02
CA TRP B 199 55.90 -39.78 5.76
C TRP B 199 57.38 -39.99 6.03
N PRO B 200 58.01 -40.94 5.32
CA PRO B 200 57.42 -41.80 4.30
C PRO B 200 56.77 -43.10 4.75
N SER B 201 56.72 -43.36 6.06
CA SER B 201 56.12 -44.61 6.52
C SER B 201 54.72 -44.79 5.96
N GLU B 202 53.98 -43.70 5.81
CA GLU B 202 52.64 -43.78 5.22
C GLU B 202 52.70 -43.07 3.88
N THR B 203 51.75 -43.40 3.00
CA THR B 203 51.71 -42.81 1.67
C THR B 203 51.14 -41.42 1.57
N VAL B 204 51.74 -40.62 0.70
CA VAL B 204 51.29 -39.27 0.42
C VAL B 204 51.28 -39.16 -1.10
N THR B 205 50.12 -38.79 -1.66
CA THR B 205 49.98 -38.68 -3.11
C THR B 205 49.32 -37.36 -3.51
N CYS B 206 49.82 -36.68 -4.52
CA CYS B 206 49.14 -35.45 -4.90
C CYS B 206 48.27 -35.81 -6.11
N ASN B 207 47.02 -35.36 -6.06
CA ASN B 207 46.06 -35.65 -7.12
C ASN B 207 45.85 -34.38 -7.93
N VAL B 208 46.13 -34.47 -9.23
CA VAL B 208 45.96 -33.31 -10.09
C VAL B 208 44.90 -33.60 -11.13
N ALA B 209 44.01 -32.63 -11.35
CA ALA B 209 42.94 -32.79 -12.34
C ALA B 209 42.98 -31.58 -13.27
N HIS B 210 42.84 -31.83 -14.57
CA HIS B 210 42.85 -30.76 -15.57
C HIS B 210 41.63 -31.08 -16.43
N PRO B 211 40.48 -30.49 -16.08
CA PRO B 211 39.20 -30.70 -16.78
C PRO B 211 39.27 -30.57 -18.29
N ALA B 212 39.83 -29.47 -18.74
CA ALA B 212 39.95 -29.13 -20.15
C ALA B 212 40.52 -30.20 -21.05
N SER B 213 41.48 -30.99 -20.54
CA SER B 213 42.07 -32.06 -21.33
C SER B 213 41.63 -33.41 -20.77
N SER B 214 40.60 -33.36 -19.93
CA SER B 214 40.04 -34.55 -19.30
C SER B 214 41.15 -35.46 -18.79
N THR B 215 42.04 -34.87 -18.00
CA THR B 215 43.16 -35.59 -17.42
C THR B 215 43.11 -35.61 -15.91
N LYS B 216 43.54 -36.73 -15.34
CA LYS B 216 43.65 -36.92 -13.89
C LYS B 216 44.97 -37.66 -13.67
N VAL B 217 45.85 -37.08 -12.86
CA VAL B 217 47.14 -37.70 -12.57
C VAL B 217 47.34 -37.85 -11.06
N ASP B 218 47.87 -39.01 -10.66
CA ASP B 218 48.19 -39.26 -9.24
C ASP B 218 49.68 -39.45 -9.17
N LYS B 219 50.35 -38.68 -8.33
CA LYS B 219 51.80 -38.82 -8.20
C LYS B 219 52.15 -39.09 -6.74
N LYS B 220 52.58 -40.31 -6.44
CA LYS B 220 52.96 -40.63 -5.07
C LYS B 220 54.31 -39.97 -4.80
N ILE B 221 54.47 -39.39 -3.61
CA ILE B 221 55.75 -38.74 -3.30
C ILE B 221 56.66 -39.81 -2.70
N VAL B 222 57.69 -40.17 -3.44
CA VAL B 222 58.61 -41.20 -2.98
C VAL B 222 59.92 -40.59 -2.51
N PRO B 223 60.44 -41.06 -1.37
CA PRO B 223 61.69 -40.50 -0.89
C PRO B 223 62.87 -40.69 -1.82
N ARG B 224 63.89 -39.88 -1.57
CA ARG B 224 65.17 -39.87 -2.27
C ARG B 224 65.27 -38.86 -3.41
N ASP B 225 64.77 -37.65 -3.19
CA ASP B 225 64.88 -36.59 -4.20
C ASP B 225 66.30 -36.08 -3.99
N CYS B 226 67.07 -35.98 -5.06
CA CYS B 226 68.46 -35.53 -4.93
C CYS B 226 69.18 -36.60 -4.12
N ASP C 1 -62.35 35.99 -2.12
CA ASP C 1 -62.95 35.67 -0.79
C ASP C 1 -62.11 36.22 0.36
N ILE C 2 -62.47 35.82 1.58
CA ILE C 2 -61.80 36.31 2.79
C ILE C 2 -60.28 36.07 2.87
N VAL C 3 -59.55 37.12 3.23
CA VAL C 3 -58.09 37.08 3.36
C VAL C 3 -57.67 37.01 4.82
N MET C 4 -56.86 36.02 5.16
CA MET C 4 -56.38 35.85 6.54
C MET C 4 -54.91 36.26 6.67
N SER C 5 -54.59 37.01 7.72
CA SER C 5 -53.22 37.43 7.92
C SER C 5 -52.83 37.20 9.37
N GLN C 6 -51.59 36.77 9.58
CA GLN C 6 -51.09 36.50 10.92
C GLN C 6 -49.88 37.36 11.24
N PHE C 7 -49.64 37.55 12.53
CA PHE C 7 -48.51 38.35 13.00
C PHE C 7 -48.15 37.90 14.41
N PRO C 8 -46.84 37.79 14.72
CA PRO C 8 -45.71 38.05 13.82
C PRO C 8 -45.45 36.82 12.95
N SER C 9 -44.53 36.94 12.01
CA SER C 9 -44.18 35.83 11.15
C SER C 9 -43.50 34.74 11.94
N SER C 10 -42.81 35.13 13.01
CA SER C 10 -42.12 34.15 13.85
C SER C 10 -41.83 34.75 15.21
N LEU C 11 -41.58 33.88 16.18
CA LEU C 11 -41.23 34.34 17.50
C LEU C 11 -40.47 33.25 18.22
N ALA C 12 -39.59 33.69 19.11
CA ALA C 12 -38.77 32.75 19.85
C ALA C 12 -38.91 33.00 21.34
N VAL C 13 -39.02 31.92 22.11
CA VAL C 13 -39.11 32.02 23.56
C VAL C 13 -38.45 30.80 24.17
N SER C 14 -38.10 30.91 25.45
CA SER C 14 -37.49 29.80 26.16
C SER C 14 -38.61 28.96 26.75
N ALA C 15 -38.33 27.71 27.07
CA ALA C 15 -39.37 26.85 27.62
C ALA C 15 -39.92 27.48 28.88
N GLY C 16 -41.23 27.37 29.06
CA GLY C 16 -41.87 27.94 30.24
C GLY C 16 -42.53 29.29 30.03
N GLU C 17 -42.11 30.04 29.01
CA GLU C 17 -42.69 31.34 28.78
C GLU C 17 -44.06 31.24 28.14
N LYS C 18 -44.84 32.30 28.28
CA LYS C 18 -46.17 32.38 27.70
C LYS C 18 -45.97 33.14 26.39
N VAL C 19 -46.68 32.73 25.34
CA VAL C 19 -46.58 33.44 24.08
C VAL C 19 -47.96 33.72 23.53
N THR C 20 -48.05 34.79 22.73
CA THR C 20 -49.29 35.18 22.10
C THR C 20 -49.03 35.47 20.61
N MET C 21 -49.99 35.18 19.75
CA MET C 21 -49.83 35.46 18.32
C MET C 21 -51.21 35.87 17.82
N SER C 22 -51.26 36.75 16.82
CA SER C 22 -52.55 37.22 16.35
C SER C 22 -52.92 36.82 14.94
N CYS C 23 -54.22 36.85 14.68
CA CYS C 23 -54.77 36.47 13.40
C CYS C 23 -55.89 37.44 13.09
N LYS C 24 -55.89 38.00 11.89
CA LYS C 24 -56.94 38.91 11.46
C LYS C 24 -57.61 38.48 10.17
N SER C 25 -58.92 38.68 10.08
CA SER C 25 -59.65 38.35 8.87
C SER C 25 -60.08 39.63 8.17
N SER C 26 -60.21 39.57 6.85
CA SER C 26 -60.60 40.71 6.02
C SER C 26 -62.07 41.03 6.19
N GLN C 27 -62.79 40.10 6.80
CA GLN C 27 -64.22 40.25 7.00
C GLN C 27 -64.63 39.52 8.28
N SER C 28 -65.62 40.07 8.97
CA SER C 28 -66.09 39.46 10.21
C SER C 28 -66.44 38.00 10.00
N LEU C 29 -66.05 37.16 10.95
CA LEU C 29 -66.31 35.73 10.89
C LEU C 29 -67.42 35.35 11.88
N LEU C 30 -68.10 36.35 12.40
CA LEU C 30 -69.17 36.11 13.38
C LEU C 30 -70.52 35.91 12.70
N ASN C 31 -71.20 34.84 13.09
CA ASN C 31 -72.51 34.55 12.55
C ASN C 31 -73.45 35.21 13.55
N SER C 32 -74.39 36.03 13.08
CA SER C 32 -75.32 36.71 14.00
C SER C 32 -76.24 35.73 14.75
N ARG C 33 -76.82 34.79 14.03
CA ARG C 33 -77.72 33.82 14.65
C ARG C 33 -76.98 32.98 15.69
N THR C 34 -76.00 32.18 15.26
CA THR C 34 -75.23 31.42 16.24
C THR C 34 -74.31 32.54 16.70
N ARG C 35 -73.94 32.60 17.97
CA ARG C 35 -73.06 33.69 18.38
C ARG C 35 -71.58 33.34 18.19
N LYS C 36 -71.29 32.43 17.27
CA LYS C 36 -69.93 31.98 17.02
C LYS C 36 -69.15 32.67 15.92
N SER C 37 -67.82 32.64 16.07
CA SER C 37 -66.88 33.18 15.09
C SER C 37 -66.18 31.92 14.56
N TYR C 38 -66.31 31.70 13.26
CA TYR C 38 -65.77 30.53 12.60
C TYR C 38 -64.29 30.60 12.22
N LEU C 39 -63.48 30.47 13.27
CA LEU C 39 -62.03 30.52 13.16
C LEU C 39 -61.43 29.35 13.92
N ALA C 40 -60.42 28.71 13.33
CA ALA C 40 -59.75 27.56 13.92
C ALA C 40 -58.24 27.78 13.91
N TRP C 41 -57.55 27.03 14.76
CA TRP C 41 -56.10 27.11 14.83
C TRP C 41 -55.53 25.71 14.62
N TYR C 42 -54.48 25.64 13.81
CA TYR C 42 -53.82 24.37 13.51
C TYR C 42 -52.34 24.47 13.85
N GLN C 43 -51.79 23.37 14.33
CA GLN C 43 -50.39 23.30 14.69
C GLN C 43 -49.68 22.36 13.73
N GLN C 44 -48.60 22.80 13.07
CA GLN C 44 -47.91 21.89 12.18
C GLN C 44 -46.44 21.74 12.54
N LYS C 45 -46.10 20.63 13.18
CA LYS C 45 -44.72 20.40 13.56
C LYS C 45 -43.89 20.07 12.29
N PRO C 46 -42.60 20.39 12.29
CA PRO C 46 -41.78 20.11 11.11
C PRO C 46 -41.85 18.67 10.64
N GLY C 47 -42.16 18.50 9.36
CA GLY C 47 -42.26 17.16 8.79
C GLY C 47 -43.54 16.40 9.08
N GLN C 48 -44.48 16.99 9.84
CA GLN C 48 -45.74 16.32 10.15
C GLN C 48 -46.93 16.98 9.48
N PHE C 49 -48.07 16.31 9.51
CA PHE C 49 -49.29 16.89 8.95
C PHE C 49 -49.87 17.82 10.01
N PRO C 50 -50.68 18.80 9.61
CA PRO C 50 -51.28 19.76 10.55
C PRO C 50 -52.20 19.06 11.57
N LYS C 51 -52.28 19.62 12.77
CA LYS C 51 -53.15 19.06 13.82
C LYS C 51 -54.12 20.15 14.28
N LEU C 52 -55.40 19.84 14.32
CA LEU C 52 -56.41 20.82 14.75
C LEU C 52 -56.27 21.05 16.25
N LEU C 53 -56.18 22.31 16.65
CA LEU C 53 -56.07 22.68 18.06
C LEU C 53 -57.36 23.29 18.62
N ILE C 54 -57.91 24.24 17.88
CA ILE C 54 -59.08 25.00 18.31
C ILE C 54 -60.02 25.33 17.18
N TYR C 55 -61.33 25.33 17.45
CA TYR C 55 -62.32 25.72 16.44
C TYR C 55 -63.36 26.63 17.11
N TRP C 56 -64.20 27.26 16.29
CA TRP C 56 -65.20 28.19 16.80
C TRP C 56 -64.51 29.24 17.68
N ALA C 57 -63.29 29.57 17.28
CA ALA C 57 -62.42 30.56 17.93
C ALA C 57 -61.84 30.23 19.31
N ALA C 58 -62.63 29.55 20.14
CA ALA C 58 -62.15 29.24 21.48
C ALA C 58 -62.44 27.83 22.01
N THR C 59 -63.02 26.96 21.17
CA THR C 59 -63.28 25.61 21.64
C THR C 59 -62.07 24.72 21.37
N ARG C 60 -61.53 24.13 22.44
CA ARG C 60 -60.37 23.28 22.32
C ARG C 60 -60.78 21.87 21.83
N GLU C 61 -60.04 21.34 20.85
CA GLU C 61 -60.29 19.99 20.32
C GLU C 61 -59.94 18.97 21.39
N SER C 62 -60.59 17.81 21.38
CA SER C 62 -60.33 16.78 22.40
C SER C 62 -58.88 16.36 22.42
N GLY C 63 -58.30 16.25 23.61
CA GLY C 63 -56.92 15.83 23.72
C GLY C 63 -55.86 16.93 23.69
N VAL C 64 -56.26 18.13 23.28
CA VAL C 64 -55.35 19.27 23.23
C VAL C 64 -55.16 19.82 24.64
N PRO C 65 -53.91 20.03 25.07
CA PRO C 65 -53.58 20.57 26.40
C PRO C 65 -54.22 21.93 26.64
N ASP C 66 -54.61 22.21 27.88
CA ASP C 66 -55.23 23.48 28.18
C ASP C 66 -54.28 24.68 28.09
N ARG C 67 -52.98 24.43 27.90
CA ARG C 67 -52.04 25.53 27.76
C ARG C 67 -52.27 26.26 26.41
N PHE C 68 -53.03 25.64 25.49
CA PHE C 68 -53.36 26.29 24.22
C PHE C 68 -54.76 26.92 24.36
N THR C 69 -54.85 28.25 24.27
CA THR C 69 -56.15 28.90 24.40
C THR C 69 -56.43 29.84 23.25
N GLY C 70 -57.55 29.64 22.57
CA GLY C 70 -57.92 30.53 21.48
C GLY C 70 -58.88 31.58 21.99
N SER C 71 -58.80 32.80 21.47
CA SER C 71 -59.73 33.85 21.89
C SER C 71 -60.00 34.85 20.79
N GLY C 72 -60.95 35.75 21.02
CA GLY C 72 -61.28 36.76 20.03
C GLY C 72 -62.58 36.49 19.29
N SER C 73 -62.95 37.42 18.41
CA SER C 73 -64.18 37.29 17.64
C SER C 73 -64.19 38.34 16.54
N GLY C 74 -65.16 38.21 15.63
CA GLY C 74 -65.25 39.16 14.55
C GLY C 74 -64.11 39.07 13.56
N THR C 75 -63.14 39.98 13.68
CA THR C 75 -62.00 40.01 12.76
C THR C 75 -60.62 39.85 13.43
N ASP C 76 -60.59 39.90 14.76
CA ASP C 76 -59.32 39.78 15.48
C ASP C 76 -59.30 38.62 16.44
N PHE C 77 -58.34 37.73 16.24
CA PHE C 77 -58.23 36.54 17.06
C PHE C 77 -56.82 36.37 17.61
N THR C 78 -56.71 35.59 18.67
CA THR C 78 -55.43 35.37 19.30
C THR C 78 -55.29 33.94 19.76
N LEU C 79 -54.08 33.40 19.64
CA LEU C 79 -53.80 32.07 20.15
C LEU C 79 -52.75 32.31 21.22
N THR C 80 -53.02 31.85 22.43
CA THR C 80 -52.06 32.02 23.53
C THR C 80 -51.56 30.66 23.98
N ILE C 81 -50.24 30.53 24.14
CA ILE C 81 -49.71 29.27 24.64
C ILE C 81 -49.07 29.63 25.97
N SER C 82 -49.64 29.12 27.06
CA SER C 82 -49.05 29.42 28.34
C SER C 82 -48.00 28.33 28.53
N SER C 83 -46.87 28.68 29.11
CA SER C 83 -45.80 27.74 29.36
C SER C 83 -45.43 26.90 28.12
N VAL C 84 -44.70 27.53 27.21
CA VAL C 84 -44.25 26.86 25.99
C VAL C 84 -43.30 25.71 26.33
N GLN C 85 -43.52 24.57 25.68
CA GLN C 85 -42.66 23.40 25.88
C GLN C 85 -41.77 23.26 24.64
N ALA C 86 -40.64 22.58 24.79
CA ALA C 86 -39.72 22.37 23.69
C ALA C 86 -40.43 21.72 22.50
N GLU C 87 -41.39 20.84 22.78
CA GLU C 87 -42.07 20.14 21.70
C GLU C 87 -43.15 20.96 20.99
N ASP C 88 -43.38 22.19 21.44
CA ASP C 88 -44.38 23.07 20.82
C ASP C 88 -43.82 23.76 19.58
N LEU C 89 -42.55 23.52 19.31
CA LEU C 89 -41.88 24.06 18.13
C LEU C 89 -42.76 23.69 16.92
N ALA C 90 -43.24 24.68 16.15
CA ALA C 90 -44.12 24.40 15.01
C ALA C 90 -44.58 25.69 14.33
N VAL C 91 -45.30 25.56 13.22
CA VAL C 91 -45.88 26.73 12.57
C VAL C 91 -47.36 26.62 12.94
N TYR C 92 -47.92 27.72 13.46
CA TYR C 92 -49.33 27.79 13.85
C TYR C 92 -50.08 28.60 12.80
N TYR C 93 -51.14 27.98 12.27
CA TYR C 93 -51.97 28.57 11.22
C TYR C 93 -53.39 28.80 11.71
N CYS C 94 -53.96 29.96 11.37
CA CYS C 94 -55.36 30.19 11.70
C CYS C 94 -56.09 29.92 10.41
N LYS C 95 -57.38 29.64 10.50
CA LYS C 95 -58.14 29.34 9.28
C LYS C 95 -59.61 29.72 9.49
N GLN C 96 -60.17 30.52 8.58
CA GLN C 96 -61.59 30.85 8.72
C GLN C 96 -62.41 29.79 8.00
N SER C 97 -63.62 29.53 8.49
CA SER C 97 -64.55 28.56 7.88
C SER C 97 -65.94 29.20 7.82
N TYR C 98 -65.94 30.53 7.76
CA TYR C 98 -67.17 31.31 7.70
C TYR C 98 -67.77 31.24 6.29
N ASN C 99 -66.90 31.30 5.28
CA ASN C 99 -67.32 31.25 3.87
C ASN C 99 -66.22 30.42 3.20
N LEU C 100 -66.52 29.15 2.94
CA LEU C 100 -65.52 28.24 2.38
C LEU C 100 -64.42 28.18 3.45
N ARG C 101 -63.14 28.10 3.06
CA ARG C 101 -62.07 28.09 4.06
C ARG C 101 -60.84 28.82 3.53
N THR C 102 -60.12 29.48 4.42
CA THR C 102 -58.91 30.21 4.03
C THR C 102 -57.92 30.17 5.20
N PHE C 103 -56.70 29.75 4.93
CA PHE C 103 -55.65 29.69 5.94
C PHE C 103 -54.84 30.98 5.96
N GLY C 104 -54.34 31.34 7.13
CA GLY C 104 -53.47 32.49 7.25
C GLY C 104 -52.08 32.05 6.79
N GLY C 105 -51.10 32.96 6.85
CA GLY C 105 -49.75 32.62 6.39
C GLY C 105 -48.88 31.88 7.38
N GLY C 106 -49.36 31.75 8.61
CA GLY C 106 -48.63 31.04 9.65
C GLY C 106 -47.67 31.86 10.52
N THR C 107 -47.53 31.44 11.77
CA THR C 107 -46.58 32.05 12.69
C THR C 107 -45.69 30.92 13.17
N LYS C 108 -44.39 31.03 12.90
CA LYS C 108 -43.42 30.01 13.30
C LYS C 108 -42.93 30.22 14.74
N LEU C 109 -43.17 29.25 15.60
CA LEU C 109 -42.69 29.34 17.00
C LEU C 109 -41.39 28.57 17.14
N GLU C 110 -40.32 29.28 17.50
CA GLU C 110 -39.02 28.66 17.72
C GLU C 110 -38.69 28.77 19.20
N ILE C 111 -37.72 27.96 19.62
CA ILE C 111 -37.30 27.88 21.02
C ILE C 111 -35.89 28.38 21.27
N LYS C 112 -35.72 29.10 22.38
CA LYS C 112 -34.42 29.60 22.78
C LYS C 112 -33.95 28.63 23.85
N ARG C 113 -32.65 28.30 23.83
CA ARG C 113 -32.09 27.39 24.83
C ARG C 113 -30.66 27.85 25.07
N ALA C 114 -29.96 27.22 26.01
CA ALA C 114 -28.57 27.59 26.29
C ALA C 114 -27.66 27.32 25.08
N ASP C 115 -26.69 28.21 24.85
CA ASP C 115 -25.79 28.02 23.73
C ASP C 115 -25.05 26.70 23.83
N ALA C 116 -24.79 26.08 22.68
CA ALA C 116 -24.10 24.82 22.65
C ALA C 116 -23.27 24.76 21.37
N ALA C 117 -21.99 24.43 21.52
CA ALA C 117 -21.08 24.32 20.37
C ALA C 117 -21.39 23.04 19.61
N PRO C 118 -21.12 23.04 18.31
CA PRO C 118 -21.38 21.84 17.49
C PRO C 118 -20.33 20.74 17.66
N THR C 119 -20.72 19.52 17.32
CA THR C 119 -19.79 18.38 17.33
C THR C 119 -19.53 18.22 15.84
N VAL C 120 -18.28 18.39 15.41
CA VAL C 120 -17.92 18.33 14.01
C VAL C 120 -17.31 17.02 13.58
N SER C 121 -17.69 16.55 12.39
CA SER C 121 -17.19 15.29 11.83
C SER C 121 -16.86 15.49 10.35
N ILE C 122 -15.71 15.02 9.89
CA ILE C 122 -15.31 15.18 8.50
C ILE C 122 -15.26 13.82 7.74
N PHE C 123 -15.70 13.81 6.48
CA PHE C 123 -15.68 12.57 5.69
C PHE C 123 -15.09 12.74 4.31
N PRO C 124 -14.02 11.98 4.01
CA PRO C 124 -13.44 12.13 2.67
C PRO C 124 -14.42 11.53 1.65
N PRO C 125 -14.20 11.78 0.34
CA PRO C 125 -15.10 11.22 -0.65
C PRO C 125 -15.13 9.69 -0.57
N SER C 126 -16.27 9.09 -0.90
CA SER C 126 -16.36 7.64 -0.88
C SER C 126 -15.65 7.08 -2.10
N SER C 127 -15.14 5.85 -2.00
CA SER C 127 -14.47 5.27 -3.16
C SER C 127 -15.48 5.17 -4.31
N GLU C 128 -16.74 4.90 -3.97
CA GLU C 128 -17.78 4.79 -4.98
C GLU C 128 -17.95 6.09 -5.76
N GLN C 129 -18.03 7.20 -5.05
CA GLN C 129 -18.21 8.46 -5.76
C GLN C 129 -17.03 8.71 -6.68
N LEU C 130 -15.83 8.39 -6.23
CA LEU C 130 -14.63 8.61 -7.06
C LEU C 130 -14.76 7.85 -8.40
N THR C 131 -15.40 6.69 -8.39
CA THR C 131 -15.56 5.95 -9.65
C THR C 131 -16.48 6.68 -10.64
N SER C 132 -17.19 7.71 -10.17
CA SER C 132 -18.08 8.48 -11.03
C SER C 132 -17.38 9.72 -11.58
N GLY C 133 -16.17 9.97 -11.09
CA GLY C 133 -15.40 11.13 -11.53
C GLY C 133 -15.57 12.34 -10.63
N GLY C 134 -16.34 12.17 -9.55
CA GLY C 134 -16.56 13.29 -8.64
C GLY C 134 -16.04 13.02 -7.23
N ALA C 135 -15.87 14.07 -6.44
CA ALA C 135 -15.37 13.90 -5.09
C ALA C 135 -15.96 14.95 -4.17
N SER C 136 -16.85 14.50 -3.27
CA SER C 136 -17.48 15.38 -2.30
C SER C 136 -16.87 15.13 -0.91
N VAL C 137 -16.43 16.19 -0.24
CA VAL C 137 -15.90 16.08 1.11
C VAL C 137 -17.05 16.65 1.96
N VAL C 138 -17.45 15.94 3.00
CA VAL C 138 -18.56 16.37 3.83
C VAL C 138 -18.22 16.58 5.31
N CYS C 139 -18.74 17.67 5.87
CA CYS C 139 -18.60 17.94 7.30
C CYS C 139 -19.97 18.06 7.91
N PHE C 140 -20.19 17.35 9.01
CA PHE C 140 -21.45 17.41 9.75
C PHE C 140 -21.17 18.24 11.01
N LEU C 141 -22.04 19.20 11.26
CA LEU C 141 -21.95 20.07 12.44
C LEU C 141 -23.23 19.74 13.20
N ASN C 142 -23.13 18.88 14.21
CA ASN C 142 -24.31 18.45 14.95
C ASN C 142 -24.59 18.97 16.35
N ASN C 143 -25.90 19.11 16.62
CA ASN C 143 -26.41 19.53 17.92
C ASN C 143 -25.86 20.81 18.51
N PHE C 144 -26.08 21.93 17.83
CA PHE C 144 -25.62 23.23 18.32
C PHE C 144 -26.76 24.26 18.45
N TYR C 145 -26.46 25.38 19.10
CA TYR C 145 -27.42 26.47 19.28
C TYR C 145 -26.63 27.71 19.64
N PRO C 146 -26.96 28.88 19.06
CA PRO C 146 -28.03 29.15 18.09
C PRO C 146 -27.77 28.60 16.69
N LYS C 147 -28.73 28.81 15.81
CA LYS C 147 -28.65 28.31 14.43
C LYS C 147 -27.55 28.95 13.57
N ASP C 148 -27.29 30.24 13.75
CA ASP C 148 -26.26 30.93 12.97
C ASP C 148 -24.88 30.27 13.16
N ILE C 149 -24.27 29.84 12.06
CA ILE C 149 -22.95 29.21 12.11
C ILE C 149 -22.28 29.35 10.76
N ASN C 150 -20.96 29.43 10.76
CA ASN C 150 -20.22 29.57 9.52
C ASN C 150 -19.20 28.46 9.38
N VAL C 151 -19.07 27.95 8.15
CA VAL C 151 -18.11 26.90 7.86
C VAL C 151 -17.15 27.41 6.80
N LYS C 152 -15.85 27.20 7.00
CA LYS C 152 -14.86 27.60 6.02
C LYS C 152 -14.07 26.36 5.60
N TRP C 153 -13.98 26.12 4.30
CA TRP C 153 -13.20 24.98 3.82
C TRP C 153 -11.81 25.43 3.39
N LYS C 154 -10.80 24.61 3.71
CA LYS C 154 -9.44 24.92 3.29
C LYS C 154 -8.86 23.68 2.62
N ILE C 155 -8.06 23.90 1.59
CA ILE C 155 -7.37 22.82 0.89
C ILE C 155 -5.90 23.19 0.91
N ASP C 156 -5.08 22.34 1.53
CA ASP C 156 -3.65 22.62 1.66
C ASP C 156 -3.47 24.01 2.27
N GLY C 157 -4.28 24.31 3.28
CA GLY C 157 -4.20 25.58 3.99
C GLY C 157 -4.86 26.80 3.37
N SER C 158 -5.29 26.71 2.11
CA SER C 158 -5.91 27.85 1.44
C SER C 158 -7.42 27.78 1.36
N GLU C 159 -8.10 28.85 1.73
CA GLU C 159 -9.56 28.87 1.72
C GLU C 159 -10.15 28.56 0.35
N ARG C 160 -11.18 27.71 0.36
CA ARG C 160 -11.87 27.33 -0.86
C ARG C 160 -13.35 27.68 -0.66
N GLN C 161 -13.92 28.47 -1.55
CA GLN C 161 -15.32 28.86 -1.40
C GLN C 161 -16.23 28.26 -2.46
N ASN C 162 -15.69 28.05 -3.65
CA ASN C 162 -16.49 27.49 -4.73
C ASN C 162 -16.80 26.00 -4.52
N GLY C 163 -18.01 25.57 -4.90
CA GLY C 163 -18.40 24.18 -4.77
C GLY C 163 -18.92 23.73 -3.40
N VAL C 164 -19.30 24.68 -2.56
CA VAL C 164 -19.79 24.37 -1.21
C VAL C 164 -21.31 24.53 -1.07
N LEU C 165 -21.97 23.50 -0.54
CA LEU C 165 -23.42 23.55 -0.32
C LEU C 165 -23.66 23.31 1.17
N ASN C 166 -24.45 24.18 1.80
CA ASN C 166 -24.77 24.03 3.21
C ASN C 166 -26.28 23.79 3.41
N SER C 167 -26.62 22.97 4.40
CA SER C 167 -28.00 22.67 4.70
C SER C 167 -28.24 22.44 6.20
N TRP C 168 -29.22 23.17 6.75
CA TRP C 168 -29.58 23.08 8.17
C TRP C 168 -30.83 22.23 8.40
N THR C 169 -30.84 21.47 9.49
CA THR C 169 -32.00 20.66 9.84
C THR C 169 -32.96 21.60 10.55
N ASP C 170 -34.19 21.16 10.75
CA ASP C 170 -35.16 21.98 11.48
C ASP C 170 -34.73 21.81 12.94
N GLN C 171 -35.14 22.72 13.81
CA GLN C 171 -34.79 22.61 15.23
C GLN C 171 -35.32 21.30 15.84
N ASP C 172 -34.53 20.68 16.71
CA ASP C 172 -34.91 19.43 17.35
C ASP C 172 -36.05 19.68 18.34
N SER C 173 -37.02 18.77 18.39
CA SER C 173 -38.17 18.89 19.29
C SER C 173 -37.87 18.59 20.74
N LYS C 174 -36.81 17.84 20.99
CA LYS C 174 -36.44 17.47 22.35
C LYS C 174 -35.38 18.38 22.96
N ASP C 175 -34.22 18.46 22.34
CA ASP C 175 -33.15 19.30 22.89
C ASP C 175 -33.05 20.70 22.29
N SER C 176 -33.92 21.02 21.34
CA SER C 176 -33.95 22.35 20.75
C SER C 176 -32.67 22.79 20.01
N THR C 177 -31.84 21.85 19.58
CA THR C 177 -30.62 22.22 18.88
C THR C 177 -30.80 22.13 17.35
N TYR C 178 -29.80 22.60 16.62
CA TYR C 178 -29.80 22.53 15.16
C TYR C 178 -28.62 21.68 14.76
N SER C 179 -28.61 21.28 13.50
CA SER C 179 -27.49 20.52 12.95
C SER C 179 -27.36 21.03 11.52
N MET C 180 -26.17 20.92 10.95
CA MET C 180 -25.98 21.40 9.59
C MET C 180 -24.91 20.59 8.88
N SER C 181 -25.07 20.45 7.56
CA SER C 181 -24.11 19.70 6.75
C SER C 181 -23.46 20.66 5.76
N SER C 182 -22.15 20.51 5.56
CA SER C 182 -21.46 21.34 4.58
C SER C 182 -20.77 20.34 3.66
N THR C 183 -21.05 20.50 2.36
CA THR C 183 -20.49 19.60 1.34
C THR C 183 -19.71 20.37 0.27
N LEU C 184 -18.44 20.03 0.13
CA LEU C 184 -17.55 20.66 -0.84
C LEU C 184 -17.37 19.62 -1.95
N THR C 185 -17.78 19.96 -3.17
CA THR C 185 -17.67 19.02 -4.26
C THR C 185 -16.65 19.48 -5.28
N LEU C 186 -15.73 18.56 -5.63
CA LEU C 186 -14.66 18.81 -6.61
C LEU C 186 -14.68 17.65 -7.60
N THR C 187 -13.88 17.75 -8.66
CA THR C 187 -13.77 16.65 -9.60
C THR C 187 -12.74 15.74 -8.97
N LYS C 188 -12.73 14.47 -9.37
CA LYS C 188 -11.76 13.51 -8.84
C LYS C 188 -10.37 14.07 -9.10
N ASP C 189 -10.15 14.58 -10.31
CA ASP C 189 -8.85 15.13 -10.68
C ASP C 189 -8.40 16.27 -9.78
N GLU C 190 -9.31 17.19 -9.48
CA GLU C 190 -8.96 18.31 -8.61
C GLU C 190 -8.62 17.76 -7.23
N TYR C 191 -9.43 16.85 -6.72
CA TYR C 191 -9.22 16.26 -5.40
C TYR C 191 -7.84 15.61 -5.24
N GLU C 192 -7.41 14.86 -6.26
CA GLU C 192 -6.14 14.16 -6.20
C GLU C 192 -4.90 15.03 -6.39
N ARG C 193 -5.10 16.32 -6.62
CA ARG C 193 -3.98 17.23 -6.80
C ARG C 193 -3.59 17.90 -5.48
N HIS C 194 -4.42 17.72 -4.46
CA HIS C 194 -4.14 18.32 -3.16
C HIS C 194 -4.06 17.28 -2.06
N ASN C 195 -3.51 17.69 -0.91
CA ASN C 195 -3.34 16.79 0.22
C ASN C 195 -4.31 16.97 1.39
N SER C 196 -4.20 18.10 2.10
CA SER C 196 -5.06 18.32 3.25
C SER C 196 -6.39 18.98 2.94
N TYR C 197 -7.42 18.46 3.58
CA TYR C 197 -8.80 18.94 3.45
C TYR C 197 -9.27 19.27 4.85
N THR C 198 -9.77 20.49 5.00
CA THR C 198 -10.16 20.98 6.30
C THR C 198 -11.46 21.76 6.32
N CYS C 199 -12.27 21.55 7.34
CA CYS C 199 -13.45 22.35 7.49
C CYS C 199 -13.32 22.98 8.87
N GLU C 200 -13.52 24.29 8.91
CA GLU C 200 -13.43 25.07 10.15
C GLU C 200 -14.80 25.63 10.46
N ALA C 201 -15.31 25.34 11.65
CA ALA C 201 -16.62 25.83 12.05
C ALA C 201 -16.48 26.96 13.06
N THR C 202 -17.05 28.12 12.75
CA THR C 202 -17.01 29.25 13.68
C THR C 202 -18.42 29.51 14.15
N HIS C 203 -18.62 29.38 15.47
CA HIS C 203 -19.91 29.55 16.09
C HIS C 203 -19.79 30.47 17.32
N LYS C 204 -20.91 31.12 17.65
CA LYS C 204 -21.02 32.05 18.79
C LYS C 204 -20.23 31.63 20.01
N THR C 205 -20.30 30.34 20.32
CA THR C 205 -19.65 29.74 21.47
C THR C 205 -18.14 29.89 21.63
N SER C 206 -17.47 30.47 20.65
CA SER C 206 -16.02 30.64 20.77
C SER C 206 -15.43 31.45 19.62
N THR C 207 -14.37 32.18 19.94
CA THR C 207 -13.67 33.00 18.96
C THR C 207 -12.79 32.12 18.08
N SER C 208 -12.47 30.92 18.56
CA SER C 208 -11.63 30.02 17.80
C SER C 208 -12.50 28.98 17.09
N PRO C 209 -12.21 28.72 15.82
CA PRO C 209 -12.95 27.75 15.02
C PRO C 209 -12.72 26.32 15.52
N ILE C 210 -13.71 25.46 15.31
CA ILE C 210 -13.57 24.04 15.65
C ILE C 210 -13.08 23.49 14.31
N VAL C 211 -11.91 22.85 14.31
CA VAL C 211 -11.32 22.36 13.07
C VAL C 211 -11.24 20.84 12.92
N LYS C 212 -11.67 20.34 11.77
CA LYS C 212 -11.60 18.91 11.46
C LYS C 212 -10.90 18.82 10.12
N SER C 213 -9.95 17.88 10.02
CA SER C 213 -9.15 17.74 8.83
C SER C 213 -8.67 16.31 8.60
N PHE C 214 -8.15 16.07 7.39
CA PHE C 214 -7.54 14.79 7.01
C PHE C 214 -6.58 15.08 5.87
N ASN C 215 -5.60 14.20 5.67
CA ASN C 215 -4.61 14.44 4.63
C ASN C 215 -4.69 13.70 3.31
N ARG C 216 -5.46 12.64 3.22
CA ARG C 216 -5.57 11.94 1.95
C ARG C 216 -4.32 11.15 1.61
N ASN C 217 -3.17 11.80 1.53
CA ASN C 217 -1.93 11.07 1.23
C ASN C 217 -1.64 10.13 2.39
N GLU C 218 -2.40 10.30 3.47
CA GLU C 218 -2.28 9.46 4.66
C GLU C 218 -3.42 8.46 4.72
N CYS C 219 -4.26 8.44 3.69
CA CYS C 219 -5.39 7.53 3.60
C CYS C 219 -4.97 6.11 3.29
N GLU D 1 -60.88 3.52 14.09
CA GLU D 1 -59.86 4.56 13.84
C GLU D 1 -60.06 5.20 12.48
N VAL D 2 -60.10 6.54 12.45
CA VAL D 2 -60.28 7.30 11.20
C VAL D 2 -58.98 7.22 10.40
N ILE D 3 -59.06 6.74 9.18
CA ILE D 3 -57.87 6.59 8.33
C ILE D 3 -58.08 7.25 6.98
N LEU D 4 -57.14 8.10 6.60
CA LEU D 4 -57.17 8.78 5.30
C LEU D 4 -55.81 8.53 4.65
N VAL D 5 -55.78 8.03 3.42
CA VAL D 5 -54.49 7.76 2.77
C VAL D 5 -54.45 8.24 1.33
N GLU D 6 -53.64 9.26 1.07
CA GLU D 6 -53.51 9.78 -0.30
C GLU D 6 -52.57 8.91 -1.10
N SER D 7 -52.80 8.86 -2.41
CA SER D 7 -51.92 8.12 -3.31
C SER D 7 -51.98 8.82 -4.66
N GLY D 8 -50.96 8.59 -5.50
CA GLY D 8 -50.98 9.19 -6.82
C GLY D 8 -49.94 10.23 -7.17
N GLY D 9 -49.26 10.76 -6.16
CA GLY D 9 -48.25 11.79 -6.40
C GLY D 9 -47.09 11.34 -7.27
N GLY D 10 -46.35 12.31 -7.78
CA GLY D 10 -45.20 12.05 -8.62
C GLY D 10 -44.88 13.27 -9.47
N LEU D 11 -44.06 13.09 -10.52
CA LEU D 11 -43.70 14.20 -11.38
C LEU D 11 -44.67 14.29 -12.55
N VAL D 12 -45.10 15.51 -12.83
CA VAL D 12 -46.04 15.78 -13.92
C VAL D 12 -45.38 16.80 -14.81
N GLN D 13 -45.50 16.65 -16.12
CA GLN D 13 -44.93 17.65 -17.01
C GLN D 13 -45.86 18.87 -17.01
N PRO D 14 -45.30 20.08 -17.21
CA PRO D 14 -46.15 21.28 -17.22
C PRO D 14 -47.19 21.12 -18.33
N GLY D 15 -48.43 21.50 -18.03
CA GLY D 15 -49.52 21.37 -18.99
C GLY D 15 -50.19 20.00 -18.89
N GLY D 16 -49.60 19.11 -18.08
CA GLY D 16 -50.12 17.77 -17.92
C GLY D 16 -51.21 17.60 -16.86
N SER D 17 -51.72 16.37 -16.76
CA SER D 17 -52.78 16.01 -15.83
C SER D 17 -52.35 14.89 -14.87
N LEU D 18 -53.03 14.81 -13.72
CA LEU D 18 -52.72 13.76 -12.76
C LEU D 18 -53.96 13.60 -11.87
N ARG D 19 -54.26 12.36 -11.45
CA ARG D 19 -55.41 12.13 -10.57
C ARG D 19 -54.88 11.57 -9.26
N LEU D 20 -55.24 12.21 -8.16
CA LEU D 20 -54.85 11.79 -6.82
C LEU D 20 -56.05 11.09 -6.22
N SER D 21 -55.79 10.10 -5.38
CA SER D 21 -56.86 9.36 -4.70
C SER D 21 -56.63 9.40 -3.20
N CYS D 22 -57.72 9.32 -2.45
CA CYS D 22 -57.64 9.28 -1.00
C CYS D 22 -58.61 8.21 -0.49
N SER D 23 -58.05 7.12 0.03
CA SER D 23 -58.86 6.04 0.56
C SER D 23 -59.17 6.39 2.00
N THR D 24 -60.40 6.10 2.43
CA THR D 24 -60.83 6.42 3.80
C THR D 24 -61.55 5.26 4.48
N SER D 25 -61.51 5.25 5.81
CA SER D 25 -62.20 4.21 6.56
C SER D 25 -62.32 4.67 8.00
N GLY D 26 -63.16 3.98 8.78
CA GLY D 26 -63.29 4.35 10.17
C GLY D 26 -64.38 5.35 10.49
N PHE D 27 -65.16 5.73 9.48
CA PHE D 27 -66.27 6.67 9.69
C PHE D 27 -67.26 6.61 8.53
N THR D 28 -68.44 7.18 8.74
CA THR D 28 -69.48 7.18 7.72
C THR D 28 -69.15 8.26 6.71
N PHE D 29 -68.44 7.85 5.67
CA PHE D 29 -67.98 8.75 4.60
C PHE D 29 -69.01 9.74 4.07
N THR D 30 -70.21 9.27 3.73
CA THR D 30 -71.21 10.18 3.20
C THR D 30 -71.70 11.29 4.14
N ASP D 31 -71.50 11.15 5.45
CA ASP D 31 -71.91 12.19 6.39
C ASP D 31 -70.96 13.37 6.39
N TYR D 32 -69.81 13.18 5.78
CA TYR D 32 -68.77 14.21 5.83
C TYR D 32 -68.41 15.01 4.61
N TYR D 33 -68.21 16.31 4.81
CA TYR D 33 -67.70 17.20 3.76
C TYR D 33 -66.24 16.73 3.72
N MET D 34 -65.60 16.76 2.56
CA MET D 34 -64.18 16.38 2.48
C MET D 34 -63.45 17.51 1.76
N SER D 35 -62.26 17.88 2.24
CA SER D 35 -61.47 18.95 1.62
C SER D 35 -60.11 18.46 1.16
N TRP D 36 -59.50 19.21 0.24
CA TRP D 36 -58.13 18.94 -0.20
C TRP D 36 -57.41 20.25 0.16
N VAL D 37 -56.22 20.12 0.76
CA VAL D 37 -55.41 21.27 1.17
C VAL D 37 -54.01 20.99 0.65
N ARG D 38 -53.31 22.00 0.12
CA ARG D 38 -51.96 21.74 -0.37
C ARG D 38 -50.93 22.63 0.27
N GLN D 39 -49.67 22.25 0.12
CA GLN D 39 -48.60 23.03 0.70
C GLN D 39 -47.30 22.96 -0.07
N PRO D 40 -46.93 24.04 -0.77
CA PRO D 40 -45.67 24.01 -1.51
C PRO D 40 -44.58 23.84 -0.45
N PRO D 41 -43.51 23.11 -0.78
CA PRO D 41 -42.39 22.84 0.14
C PRO D 41 -42.22 23.67 1.41
N GLY D 42 -41.76 24.91 1.31
CA GLY D 42 -41.58 25.67 2.54
C GLY D 42 -42.58 26.79 2.74
N LYS D 43 -43.76 26.65 2.15
CA LYS D 43 -44.79 27.68 2.23
C LYS D 43 -45.99 27.33 3.11
N ALA D 44 -46.98 28.22 3.11
CA ALA D 44 -48.19 28.04 3.93
C ALA D 44 -49.19 27.04 3.35
N LEU D 45 -50.08 26.58 4.20
CA LEU D 45 -51.15 25.66 3.77
C LEU D 45 -52.10 26.51 2.90
N GLU D 46 -52.70 25.88 1.90
CA GLU D 46 -53.66 26.58 1.04
C GLU D 46 -54.84 25.65 0.80
N TRP D 47 -56.03 26.09 1.18
CA TRP D 47 -57.24 25.30 0.97
C TRP D 47 -57.56 25.30 -0.53
N LEU D 48 -57.79 24.13 -1.10
CA LEU D 48 -58.08 24.04 -2.54
C LEU D 48 -59.58 24.04 -2.81
N GLY D 49 -60.29 23.21 -2.05
CA GLY D 49 -61.74 23.13 -2.20
C GLY D 49 -62.32 22.00 -1.38
N PHE D 50 -63.64 21.87 -1.45
CA PHE D 50 -64.28 20.76 -0.75
C PHE D 50 -65.46 20.20 -1.52
N ILE D 51 -65.90 19.02 -1.12
CA ILE D 51 -67.09 18.44 -1.72
C ILE D 51 -67.96 18.20 -0.49
N ARG D 52 -69.19 18.69 -0.54
CA ARG D 52 -70.09 18.57 0.59
C ARG D 52 -70.57 17.15 0.83
N ASN D 53 -71.31 16.97 1.92
CA ASN D 53 -71.80 15.65 2.29
C ASN D 53 -73.15 15.33 1.63
N LYS D 54 -73.70 14.16 1.93
CA LYS D 54 -74.97 13.75 1.34
C LYS D 54 -76.12 14.71 1.61
N PRO D 55 -76.31 15.13 2.88
CA PRO D 55 -77.41 16.06 3.21
C PRO D 55 -77.37 17.33 2.34
N LYS D 56 -76.16 17.79 2.01
CA LYS D 56 -75.98 18.99 1.21
C LYS D 56 -75.85 18.72 -0.30
N GLY D 57 -76.09 17.49 -0.72
CA GLY D 57 -76.04 17.19 -2.14
C GLY D 57 -74.69 16.94 -2.81
N TYR D 58 -73.63 16.81 -2.03
CA TYR D 58 -72.30 16.54 -2.58
C TYR D 58 -71.81 17.62 -3.56
N THR D 59 -72.25 18.85 -3.36
CA THR D 59 -71.83 19.94 -4.24
C THR D 59 -70.39 20.36 -3.94
N THR D 60 -69.70 20.89 -4.93
CA THR D 60 -68.30 21.29 -4.81
C THR D 60 -68.05 22.80 -4.80
N GLU D 61 -66.98 23.23 -4.15
CA GLU D 61 -66.61 24.64 -4.14
C GLU D 61 -65.08 24.69 -4.17
N TYR D 62 -64.53 25.79 -4.68
CA TYR D 62 -63.09 25.90 -4.81
C TYR D 62 -62.58 27.30 -4.49
N SER D 63 -61.30 27.38 -4.12
CA SER D 63 -60.71 28.68 -3.85
C SER D 63 -60.41 29.30 -5.21
N ALA D 64 -60.39 30.62 -5.29
CA ALA D 64 -60.10 31.30 -6.57
C ALA D 64 -58.77 30.93 -7.19
N SER D 65 -57.75 30.77 -6.34
CA SER D 65 -56.40 30.44 -6.81
C SER D 65 -56.30 29.16 -7.63
N VAL D 66 -57.24 28.25 -7.43
CA VAL D 66 -57.19 26.99 -8.15
C VAL D 66 -58.38 26.72 -9.07
N LYS D 67 -59.39 27.57 -9.04
CA LYS D 67 -60.58 27.38 -9.89
C LYS D 67 -60.17 27.04 -11.32
N GLY D 68 -60.71 25.95 -11.84
CA GLY D 68 -60.40 25.57 -13.21
C GLY D 68 -59.19 24.67 -13.38
N ARG D 69 -58.39 24.55 -12.33
CA ARG D 69 -57.17 23.73 -12.39
C ARG D 69 -57.41 22.34 -11.77
N PHE D 70 -58.51 22.21 -11.02
CA PHE D 70 -58.80 20.95 -10.35
C PHE D 70 -60.30 20.71 -10.27
N THR D 71 -60.68 19.45 -10.07
CA THR D 71 -62.07 19.11 -9.77
C THR D 71 -61.93 18.09 -8.66
N ILE D 72 -62.89 18.07 -7.74
CA ILE D 72 -62.90 17.12 -6.64
C ILE D 72 -64.15 16.28 -6.82
N SER D 73 -64.00 14.97 -6.70
CA SER D 73 -65.16 14.08 -6.81
C SER D 73 -64.99 13.00 -5.74
N ARG D 74 -66.04 12.22 -5.53
CA ARG D 74 -65.99 11.16 -4.51
C ARG D 74 -66.81 9.95 -4.94
N ASP D 75 -66.28 8.76 -4.64
CA ASP D 75 -66.96 7.52 -4.94
C ASP D 75 -67.55 7.14 -3.58
N ASN D 76 -68.85 7.36 -3.43
CA ASN D 76 -69.51 7.06 -2.18
C ASN D 76 -69.69 5.57 -1.91
N SER D 77 -69.58 4.72 -2.94
CA SER D 77 -69.72 3.29 -2.67
C SER D 77 -68.42 2.75 -2.04
N GLN D 78 -67.28 3.25 -2.49
CA GLN D 78 -65.99 2.81 -1.98
C GLN D 78 -65.37 3.74 -0.94
N SER D 79 -66.04 4.84 -0.64
CA SER D 79 -65.56 5.81 0.33
C SER D 79 -64.17 6.34 -0.08
N ILE D 80 -64.02 6.65 -1.37
CA ILE D 80 -62.76 7.19 -1.88
C ILE D 80 -62.94 8.65 -2.36
N LEU D 81 -62.00 9.54 -2.01
CA LEU D 81 -62.07 10.93 -2.44
C LEU D 81 -61.03 11.15 -3.55
N TYR D 82 -61.39 11.89 -4.61
CA TYR D 82 -60.46 12.12 -5.70
C TYR D 82 -60.14 13.58 -5.94
N LEU D 83 -58.99 13.83 -6.57
CA LEU D 83 -58.61 15.18 -6.96
C LEU D 83 -58.06 15.07 -8.39
N GLN D 84 -58.77 15.65 -9.34
CA GLN D 84 -58.28 15.61 -10.71
C GLN D 84 -57.53 16.91 -10.95
N MET D 85 -56.31 16.80 -11.47
CA MET D 85 -55.46 17.95 -11.71
C MET D 85 -55.25 18.06 -13.20
N ASN D 86 -55.49 19.25 -13.74
CA ASN D 86 -55.33 19.48 -15.17
C ASN D 86 -54.53 20.76 -15.46
N THR D 87 -53.90 20.77 -16.62
CA THR D 87 -53.10 21.90 -17.08
C THR D 87 -52.24 22.48 -15.94
N LEU D 88 -51.47 21.62 -15.29
CA LEU D 88 -50.65 22.05 -14.16
C LEU D 88 -49.48 22.94 -14.51
N ARG D 89 -49.13 23.81 -13.58
CA ARG D 89 -48.01 24.71 -13.74
C ARG D 89 -47.08 24.55 -12.54
N ALA D 90 -45.92 25.19 -12.61
CA ALA D 90 -44.93 25.09 -11.53
C ALA D 90 -45.50 25.45 -10.17
N GLU D 91 -46.40 26.43 -10.15
CA GLU D 91 -47.02 26.88 -8.92
C GLU D 91 -47.83 25.78 -8.23
N ASP D 92 -48.18 24.74 -8.97
CA ASP D 92 -48.96 23.63 -8.44
C ASP D 92 -48.12 22.53 -7.77
N SER D 93 -46.79 22.67 -7.79
CA SER D 93 -45.92 21.69 -7.12
C SER D 93 -46.15 21.84 -5.62
N ALA D 94 -46.51 20.75 -4.95
CA ALA D 94 -46.79 20.83 -3.53
C ALA D 94 -47.17 19.48 -2.97
N THR D 95 -47.30 19.41 -1.66
CA THR D 95 -47.77 18.21 -1.01
C THR D 95 -49.28 18.40 -0.93
N TYR D 96 -50.04 17.40 -1.37
CA TYR D 96 -51.50 17.48 -1.37
C TYR D 96 -52.07 16.59 -0.28
N TYR D 97 -52.88 17.20 0.58
CA TYR D 97 -53.53 16.53 1.70
C TYR D 97 -55.02 16.32 1.50
N CYS D 98 -55.44 15.13 1.90
CA CYS D 98 -56.85 14.68 1.92
C CYS D 98 -57.26 15.03 3.36
N VAL D 99 -58.38 15.72 3.55
CA VAL D 99 -58.76 16.09 4.91
C VAL D 99 -60.25 15.91 5.20
N ARG D 100 -60.58 15.42 6.40
CA ARG D 100 -61.96 15.26 6.78
C ARG D 100 -62.43 16.60 7.33
N ASP D 101 -63.51 17.11 6.76
CA ASP D 101 -64.05 18.41 7.16
C ASP D 101 -65.30 18.12 7.99
N ILE D 102 -66.18 19.10 8.12
CA ILE D 102 -67.37 18.93 8.95
C ILE D 102 -68.40 17.90 8.51
N TYR D 103 -69.25 17.50 9.45
CA TYR D 103 -70.36 16.60 9.12
C TYR D 103 -71.68 17.36 9.38
N SER D 104 -71.59 18.45 10.14
CA SER D 104 -72.76 19.28 10.39
C SER D 104 -72.32 20.61 10.99
N PHE D 105 -73.05 21.66 10.64
CA PHE D 105 -72.76 23.02 11.08
C PHE D 105 -72.84 23.25 12.59
N GLY D 106 -73.82 22.64 13.24
CA GLY D 106 -74.00 22.85 14.66
C GLY D 106 -73.26 21.98 15.65
N SER D 107 -72.75 20.83 15.20
CA SER D 107 -72.08 19.90 16.08
C SER D 107 -70.68 20.32 16.52
N ARG D 108 -69.88 20.77 15.56
CA ARG D 108 -68.50 21.17 15.79
C ARG D 108 -67.94 21.73 14.47
N ASP D 109 -66.64 22.05 14.45
CA ASP D 109 -66.00 22.59 13.25
C ASP D 109 -64.55 22.13 13.23
N GLY D 110 -63.87 22.37 12.12
CA GLY D 110 -62.47 21.98 12.03
C GLY D 110 -62.17 20.74 11.22
N MET D 111 -60.98 20.71 10.63
CA MET D 111 -60.52 19.58 9.84
C MET D 111 -59.79 18.71 10.84
N ASP D 112 -60.52 17.77 11.43
CA ASP D 112 -59.99 16.95 12.50
C ASP D 112 -59.06 15.81 12.13
N TYR D 113 -59.10 15.36 10.88
CA TYR D 113 -58.21 14.31 10.44
C TYR D 113 -57.58 14.66 9.08
N TRP D 114 -56.28 14.35 8.94
CA TRP D 114 -55.53 14.64 7.72
C TRP D 114 -54.68 13.43 7.32
N GLY D 115 -54.51 13.22 6.01
CA GLY D 115 -53.66 12.13 5.56
C GLY D 115 -52.22 12.62 5.67
N GLN D 116 -51.24 11.77 5.36
CA GLN D 116 -49.83 12.17 5.47
C GLN D 116 -49.45 13.05 4.28
N GLY D 117 -50.30 13.01 3.26
CA GLY D 117 -50.07 13.81 2.07
C GLY D 117 -49.27 13.09 1.02
N THR D 118 -49.46 13.52 -0.23
CA THR D 118 -48.73 12.94 -1.36
C THR D 118 -48.09 14.09 -2.11
N SER D 119 -46.81 13.94 -2.47
CA SER D 119 -46.08 15.02 -3.16
C SER D 119 -46.21 15.02 -4.68
N VAL D 120 -46.40 16.21 -5.23
CA VAL D 120 -46.50 16.40 -6.68
C VAL D 120 -45.53 17.49 -7.08
N THR D 121 -44.72 17.21 -8.11
CA THR D 121 -43.79 18.21 -8.63
C THR D 121 -44.14 18.40 -10.11
N VAL D 122 -44.35 19.65 -10.52
CA VAL D 122 -44.68 19.95 -11.92
C VAL D 122 -43.41 20.60 -12.45
N SER D 123 -42.73 19.90 -13.34
CA SER D 123 -41.48 20.43 -13.86
C SER D 123 -41.06 19.72 -15.12
N SER D 124 -40.30 20.42 -15.96
CA SER D 124 -39.78 19.82 -17.18
C SER D 124 -38.38 19.24 -16.94
N ALA D 125 -37.81 19.43 -15.74
CA ALA D 125 -36.49 18.85 -15.46
C ALA D 125 -36.70 17.33 -15.48
N LYS D 126 -35.68 16.58 -15.90
CA LYS D 126 -35.82 15.14 -16.03
C LYS D 126 -35.70 14.36 -14.73
N THR D 127 -36.54 13.33 -14.59
CA THR D 127 -36.52 12.48 -13.41
C THR D 127 -35.18 11.74 -13.49
N THR D 128 -34.43 11.80 -12.39
CA THR D 128 -33.10 11.18 -12.32
C THR D 128 -32.94 10.42 -11.00
N PRO D 129 -32.55 9.14 -11.07
CA PRO D 129 -32.38 8.36 -9.83
C PRO D 129 -31.16 8.82 -9.04
N PRO D 130 -31.17 8.58 -7.72
CA PRO D 130 -30.06 9.00 -6.87
C PRO D 130 -28.85 8.07 -6.92
N SER D 131 -27.70 8.61 -6.53
CA SER D 131 -26.47 7.83 -6.38
C SER D 131 -26.37 7.91 -4.86
N VAL D 132 -26.19 6.76 -4.20
CA VAL D 132 -26.10 6.76 -2.74
C VAL D 132 -24.68 6.38 -2.35
N TYR D 133 -24.01 7.29 -1.65
CA TYR D 133 -22.63 7.07 -1.25
C TYR D 133 -22.46 6.86 0.25
N PRO D 134 -21.84 5.73 0.63
CA PRO D 134 -21.64 5.45 2.06
C PRO D 134 -20.48 6.28 2.57
N LEU D 135 -20.65 6.91 3.73
CA LEU D 135 -19.61 7.72 4.33
C LEU D 135 -19.10 7.12 5.64
N ALA D 136 -17.99 6.39 5.54
CA ALA D 136 -17.36 5.81 6.71
C ALA D 136 -16.26 6.79 7.11
N PRO D 137 -15.83 6.78 8.38
CA PRO D 137 -14.79 7.72 8.79
C PRO D 137 -13.53 7.48 7.96
N GLY D 138 -12.69 8.50 7.85
CA GLY D 138 -11.47 8.34 7.09
C GLY D 138 -10.68 7.20 7.72
N SER D 139 -9.91 6.47 6.91
CA SER D 139 -9.13 5.34 7.41
C SER D 139 -8.14 5.74 8.49
N ALA D 140 -7.77 7.02 8.52
CA ALA D 140 -6.84 7.51 9.52
C ALA D 140 -7.67 7.98 10.71
N ALA D 141 -8.75 8.68 10.40
CA ALA D 141 -9.67 9.21 11.41
C ALA D 141 -9.05 9.45 12.78
N GLN D 142 -9.85 9.20 13.82
CA GLN D 142 -9.42 9.40 15.18
C GLN D 142 -10.46 8.72 16.09
N THR D 143 -10.21 7.47 16.44
CA THR D 143 -11.12 6.68 17.28
C THR D 143 -11.43 7.34 18.62
N ASN D 144 -12.59 6.99 19.18
CA ASN D 144 -13.03 7.50 20.47
C ASN D 144 -14.41 6.95 20.81
N SER D 145 -15.04 7.51 21.84
CA SER D 145 -16.36 7.07 22.27
C SER D 145 -17.41 7.67 21.31
N MET D 146 -18.21 6.79 20.70
CA MET D 146 -19.25 7.20 19.75
C MET D 146 -18.61 7.52 18.39
N VAL D 147 -19.17 6.94 17.34
CA VAL D 147 -18.66 7.17 15.99
C VAL D 147 -19.82 7.69 15.15
N THR D 148 -19.51 8.55 14.20
CA THR D 148 -20.54 9.12 13.33
C THR D 148 -20.35 8.61 11.92
N LEU D 149 -21.45 8.21 11.29
CA LEU D 149 -21.42 7.70 9.92
C LEU D 149 -22.46 8.47 9.12
N GLY D 150 -22.46 8.26 7.81
CA GLY D 150 -23.47 8.96 7.03
C GLY D 150 -23.59 8.42 5.62
N CYS D 151 -24.53 8.99 4.88
CA CYS D 151 -24.67 8.64 3.48
C CYS D 151 -25.09 9.88 2.73
N LEU D 152 -24.48 10.03 1.58
CA LEU D 152 -24.69 11.17 0.71
C LEU D 152 -25.57 10.68 -0.42
N VAL D 153 -26.71 11.35 -0.62
CA VAL D 153 -27.66 10.96 -1.67
C VAL D 153 -27.62 12.12 -2.66
N LYS D 154 -26.94 11.87 -3.77
CA LYS D 154 -26.70 12.91 -4.76
C LYS D 154 -27.23 12.73 -6.18
N GLY D 155 -27.46 13.87 -6.85
CA GLY D 155 -27.90 13.88 -8.23
C GLY D 155 -29.23 13.30 -8.62
N TYR D 156 -30.27 13.57 -7.85
CA TYR D 156 -31.58 13.01 -8.16
C TYR D 156 -32.61 14.09 -8.40
N PHE D 157 -33.71 13.70 -9.02
CA PHE D 157 -34.82 14.64 -9.25
C PHE D 157 -36.06 13.82 -9.55
N PRO D 158 -37.23 14.23 -9.02
CA PRO D 158 -37.50 15.37 -8.16
C PRO D 158 -37.40 14.92 -6.70
N GLU D 159 -37.71 15.82 -5.78
CA GLU D 159 -37.76 15.50 -4.37
C GLU D 159 -39.12 14.79 -4.37
N PRO D 160 -39.42 13.97 -3.34
CA PRO D 160 -38.59 13.64 -2.19
C PRO D 160 -37.83 12.33 -2.28
N VAL D 161 -36.94 12.17 -1.30
CA VAL D 161 -36.16 10.97 -1.14
C VAL D 161 -36.35 10.72 0.35
N THR D 162 -36.52 9.47 0.77
CA THR D 162 -36.63 9.20 2.21
C THR D 162 -35.42 8.36 2.60
N VAL D 163 -34.88 8.62 3.78
CA VAL D 163 -33.71 7.90 4.26
C VAL D 163 -33.97 7.32 5.65
N THR D 164 -33.56 6.07 5.85
CA THR D 164 -33.69 5.45 7.16
C THR D 164 -32.39 4.70 7.42
N TRP D 165 -32.14 4.33 8.67
CA TRP D 165 -30.95 3.56 8.99
C TRP D 165 -31.39 2.22 9.56
N ASN D 166 -30.77 1.14 9.08
CA ASN D 166 -31.13 -0.21 9.51
C ASN D 166 -32.64 -0.38 9.46
N SER D 167 -33.23 0.12 8.39
CA SER D 167 -34.67 0.05 8.15
C SER D 167 -35.49 0.68 9.27
N GLY D 168 -34.95 1.71 9.90
CA GLY D 168 -35.68 2.38 10.96
C GLY D 168 -35.28 1.95 12.37
N SER D 169 -34.67 0.78 12.51
CA SER D 169 -34.27 0.31 13.83
C SER D 169 -33.37 1.34 14.49
N LEU D 170 -32.48 1.95 13.71
CA LEU D 170 -31.61 3.01 14.24
C LEU D 170 -32.36 4.30 13.98
N SER D 171 -33.01 4.82 15.01
CA SER D 171 -33.79 6.04 14.86
C SER D 171 -33.19 7.22 15.61
N SER D 172 -32.68 6.97 16.81
CA SER D 172 -32.09 8.04 17.60
C SER D 172 -30.64 8.28 17.14
N GLY D 173 -30.19 9.52 17.22
CA GLY D 173 -28.84 9.84 16.80
C GLY D 173 -28.74 10.04 15.30
N VAL D 174 -29.89 10.16 14.66
CA VAL D 174 -29.95 10.37 13.21
C VAL D 174 -30.35 11.79 12.85
N HIS D 175 -29.66 12.36 11.86
CA HIS D 175 -29.94 13.70 11.36
C HIS D 175 -29.99 13.63 9.83
N THR D 176 -31.11 13.97 9.23
CA THR D 176 -31.20 13.96 7.77
C THR D 176 -31.41 15.41 7.35
N PHE D 177 -30.52 15.92 6.50
CA PHE D 177 -30.53 17.30 6.06
C PHE D 177 -31.39 17.60 4.84
N PRO D 178 -32.04 18.78 4.81
CA PRO D 178 -32.88 19.14 3.67
C PRO D 178 -32.09 19.17 2.38
N ALA D 179 -32.71 18.66 1.32
CA ALA D 179 -32.08 18.60 0.01
C ALA D 179 -31.82 19.99 -0.52
N VAL D 180 -30.78 20.13 -1.32
CA VAL D 180 -30.45 21.41 -1.95
C VAL D 180 -30.38 21.17 -3.47
N LEU D 181 -30.98 22.05 -4.24
CA LEU D 181 -30.98 21.91 -5.70
C LEU D 181 -29.82 22.65 -6.36
N GLN D 182 -29.13 21.97 -7.28
CA GLN D 182 -28.04 22.58 -8.03
C GLN D 182 -27.97 21.94 -9.42
N SER D 183 -28.01 22.78 -10.45
CA SER D 183 -27.97 22.28 -11.82
C SER D 183 -29.04 21.22 -12.10
N ASP D 184 -30.28 21.52 -11.71
CA ASP D 184 -31.42 20.64 -11.95
C ASP D 184 -31.44 19.36 -11.11
N LEU D 185 -30.46 19.20 -10.22
CA LEU D 185 -30.39 17.99 -9.38
C LEU D 185 -30.25 18.26 -7.89
N TYR D 186 -30.92 17.45 -7.08
CA TYR D 186 -30.92 17.57 -5.61
C TYR D 186 -29.87 16.68 -4.97
N THR D 187 -29.34 17.14 -3.85
CA THR D 187 -28.39 16.35 -3.07
C THR D 187 -28.78 16.52 -1.60
N LEU D 188 -28.75 15.43 -0.82
CA LEU D 188 -29.02 15.53 0.61
C LEU D 188 -28.12 14.50 1.29
N SER D 189 -28.01 14.60 2.60
CA SER D 189 -27.20 13.67 3.36
C SER D 189 -27.90 13.36 4.66
N SER D 190 -27.39 12.35 5.35
CA SER D 190 -27.95 11.92 6.63
C SER D 190 -26.79 11.45 7.47
N SER D 191 -26.79 11.80 8.76
CA SER D 191 -25.72 11.32 9.63
C SER D 191 -26.38 10.50 10.72
N VAL D 192 -25.64 9.53 11.25
CA VAL D 192 -26.13 8.70 12.33
C VAL D 192 -24.94 8.51 13.26
N THR D 193 -25.17 8.64 14.56
CA THR D 193 -24.11 8.49 15.53
C THR D 193 -24.41 7.30 16.45
N VAL D 194 -23.46 6.39 16.58
CA VAL D 194 -23.60 5.20 17.43
C VAL D 194 -22.30 4.91 18.18
N PRO D 195 -22.38 4.13 19.26
CA PRO D 195 -21.18 3.81 20.03
C PRO D 195 -20.22 2.95 19.21
N SER D 196 -18.93 3.21 19.35
CA SER D 196 -17.90 2.48 18.62
C SER D 196 -17.95 0.97 18.83
N SER D 197 -18.37 0.56 20.02
CA SER D 197 -18.46 -0.87 20.32
C SER D 197 -19.43 -1.54 19.35
N THR D 198 -20.32 -0.72 18.79
CA THR D 198 -21.34 -1.17 17.86
C THR D 198 -20.89 -1.28 16.41
N TRP D 199 -20.16 -0.29 15.93
CA TRP D 199 -19.71 -0.31 14.54
C TRP D 199 -18.19 -0.36 14.50
N PRO D 200 -17.61 -1.15 13.58
CA PRO D 200 -18.23 -2.00 12.56
C PRO D 200 -18.67 -3.36 13.09
N SER D 201 -18.55 -3.55 14.41
CA SER D 201 -18.93 -4.80 15.06
C SER D 201 -20.31 -5.26 14.61
N GLU D 202 -21.24 -4.31 14.58
CA GLU D 202 -22.64 -4.54 14.18
C GLU D 202 -22.86 -3.84 12.84
N THR D 203 -23.81 -4.35 12.05
CA THR D 203 -24.11 -3.78 10.75
C THR D 203 -24.90 -2.48 10.84
N VAL D 204 -24.49 -1.50 10.04
CA VAL D 204 -25.21 -0.22 9.98
C VAL D 204 -25.43 0.00 8.48
N THR D 205 -26.69 0.10 8.10
CA THR D 205 -27.05 0.27 6.71
C THR D 205 -27.93 1.47 6.47
N CYS D 206 -27.63 2.14 5.36
CA CYS D 206 -28.35 3.32 4.91
C CYS D 206 -29.43 2.89 3.90
N ASN D 207 -30.69 3.21 4.16
CA ASN D 207 -31.81 2.84 3.28
C ASN D 207 -32.41 4.08 2.60
N VAL D 208 -32.34 4.12 1.27
CA VAL D 208 -32.86 5.26 0.51
C VAL D 208 -33.97 4.85 -0.44
N ALA D 209 -35.04 5.64 -0.47
CA ALA D 209 -36.15 5.39 -1.36
C ALA D 209 -36.39 6.67 -2.16
N HIS D 210 -36.64 6.52 -3.46
CA HIS D 210 -36.92 7.65 -4.36
C HIS D 210 -38.11 7.16 -5.16
N PRO D 211 -39.32 7.39 -4.65
CA PRO D 211 -40.58 6.98 -5.29
C PRO D 211 -40.73 7.38 -6.75
N ALA D 212 -40.32 8.59 -7.09
CA ALA D 212 -40.46 9.09 -8.46
C ALA D 212 -39.73 8.22 -9.48
N SER D 213 -38.63 7.62 -9.08
CA SER D 213 -37.93 6.75 -10.01
C SER D 213 -38.15 5.31 -9.60
N SER D 214 -39.06 5.11 -8.65
CA SER D 214 -39.39 3.78 -8.13
C SER D 214 -38.11 3.02 -7.82
N THR D 215 -37.26 3.68 -7.03
CA THR D 215 -35.96 3.16 -6.65
C THR D 215 -35.85 2.98 -5.14
N LYS D 216 -35.17 1.91 -4.73
CA LYS D 216 -34.89 1.67 -3.33
C LYS D 216 -33.47 1.15 -3.31
N VAL D 217 -32.63 1.74 -2.47
CA VAL D 217 -31.24 1.32 -2.38
C VAL D 217 -30.75 1.18 -0.94
N ASP D 218 -30.01 0.09 -0.68
CA ASP D 218 -29.43 -0.16 0.64
C ASP D 218 -27.93 -0.16 0.46
N LYS D 219 -27.23 0.67 1.23
CA LYS D 219 -25.78 0.76 1.14
C LYS D 219 -25.26 0.51 2.55
N LYS D 220 -24.54 -0.58 2.75
CA LYS D 220 -24.00 -0.85 4.07
C LYS D 220 -22.77 0.01 4.26
N ILE D 221 -22.57 0.55 5.46
CA ILE D 221 -21.40 1.36 5.73
C ILE D 221 -20.26 0.41 6.09
N VAL D 222 -19.27 0.32 5.22
CA VAL D 222 -18.13 -0.57 5.41
C VAL D 222 -16.87 0.23 5.73
N PRO D 223 -16.15 -0.16 6.81
CA PRO D 223 -14.94 0.59 7.15
C PRO D 223 -13.89 0.71 6.02
N ARG D 224 -13.06 1.75 6.14
CA ARG D 224 -11.96 2.08 5.24
C ARG D 224 -12.27 3.15 4.19
N ASP D 225 -12.53 4.38 4.63
CA ASP D 225 -12.85 5.45 3.69
C ASP D 225 -11.62 6.15 3.10
N CYS D 226 -10.88 6.90 3.93
CA CYS D 226 -9.70 7.62 3.46
C CYS D 226 -9.01 8.40 4.59
C1 GP1 E . 0.93 -7.59 -14.02
C2 GP1 E . 1.58 -8.98 -13.89
C3 GP1 E . 0.88 -9.80 -12.75
C4 GP1 E . 1.02 -9.01 -11.45
C5 GP1 E . 0.36 -7.62 -11.62
C6 GP1 E . 0.51 -6.77 -10.35
N2 GP1 E . 1.51 -9.68 -15.16
O1 GP1 E . -0.46 -7.71 -14.42
O3 GP1 E . 1.52 -11.10 -12.62
O4 GP1 E . 0.37 -9.73 -10.38
O6 GP1 E . -0.38 -5.63 -10.41
O5 GP1 E . 1.00 -6.91 -12.72
O7B GP1 E . -0.72 -5.27 -14.53
P4B GP1 E . -0.99 -6.55 -15.23
O8B GP1 E . -0.31 -6.58 -16.56
O9B GP1 E . -2.44 -6.79 -15.38
C1 GP4 E . 0.14 -4.43 -11.02
C2 GP4 E . -0.81 -3.35 -11.49
C3 GP4 E . -0.07 -2.12 -12.10
C4 GP4 E . 1.01 -1.58 -11.10
C5 GP4 E . 1.97 -2.76 -10.81
C6 GP4 E . 3.06 -2.34 -9.80
N2 GP4 E . -1.77 -3.93 -12.43
O3 GP4 E . -1.02 -1.08 -12.38
O4 GP4 E . 1.83 -0.52 -11.74
O6 GP4 E . 3.84 -3.53 -9.51
O5 GP4 E . 1.24 -3.88 -10.23
O7A GP4 E . 2.17 1.18 -10.03
P4A GP4 E . 1.57 0.93 -11.37
O8A GP4 E . 2.22 1.75 -12.42
O9A GP4 E . 0.10 1.17 -11.33
C1 KDO E . 5.25 -2.34 -7.84
O1A KDO E . 4.57 -1.62 -7.14
O1B KDO E . 6.25 -1.86 -8.38
C2 KDO E . 4.71 -3.69 -8.36
C3 KDO E . 5.70 -4.82 -8.46
C4 KDO E . 4.96 -6.10 -8.89
O4 KDO E . 5.98 -7.12 -8.97
C5 KDO E . 3.86 -6.42 -7.78
O5 KDO E . 4.41 -6.66 -6.46
C6 KDO E . 2.85 -5.26 -7.74
O6 KDO E . 3.56 -3.99 -7.45
C7 KDO E . 1.72 -5.49 -6.72
O7 KDO E . 1.12 -6.77 -6.97
C8 KDO E . 0.64 -4.42 -6.82
O8 KDO E . -0.34 -4.61 -5.81
C1 KDO E . 4.74 -9.24 -8.80
O1A KDO E . 3.59 -9.12 -9.27
O1B KDO E . 4.88 -9.68 -7.63
C2 KDO E . 5.91 -8.50 -9.42
C3 KDO E . 7.24 -9.18 -9.42
C4 KDO E . 8.22 -8.28 -10.21
O4 KDO E . 9.51 -8.95 -10.12
C5 KDO E . 7.67 -8.17 -11.70
O5 KDO E . 7.45 -9.50 -12.30
C6 KDO E . 6.34 -7.40 -11.64
O6 KDO E . 5.41 -8.15 -10.78
C7 KDO E . 5.70 -7.15 -13.00
O7 KDO E . 6.63 -6.49 -13.84
C8 KDO E . 4.45 -6.28 -12.87
O8 KDO E . 3.92 -5.97 -14.15
C1 KDO E . 10.60 -9.12 -12.34
O1A KDO E . 10.13 -8.32 -13.15
O1B KDO E . 10.57 -10.32 -12.64
C2 KDO E . 10.78 -8.75 -10.86
C3 KDO E . 12.00 -9.29 -10.20
C4 KDO E . 12.12 -8.70 -8.77
O4 KDO E . 13.30 -9.24 -8.14
C5 KDO E . 12.22 -7.13 -8.91
O5 KDO E . 13.35 -6.77 -9.75
C6 KDO E . 10.91 -6.61 -9.56
O6 KDO E . 10.74 -7.26 -10.86
C7 KDO E . 10.88 -5.09 -9.76
O7 KDO E . 11.50 -4.43 -8.66
C8 KDO E . 9.44 -4.60 -9.93
O8 KDO E . 9.43 -3.31 -10.49
C1 KDO F . -76.85 31.54 7.83
O1A KDO F . -77.09 32.15 8.89
O1B KDO F . -76.06 31.99 6.95
C2 KDO F . -77.51 30.21 7.58
O2 KDO F . -78.24 30.26 6.35
C3 KDO F . -76.42 29.14 7.45
C4 KDO F . -77.06 27.74 7.26
O4 KDO F . -75.96 26.80 7.14
C5 KDO F . -77.97 27.48 8.50
O5 KDO F . -77.19 27.50 9.72
C6 KDO F . -79.08 28.57 8.55
O6 KDO F . -78.41 29.88 8.70
C7 KDO F . -80.04 28.34 9.74
O7 KDO F . -80.44 26.98 9.75
C8 KDO F . -81.29 29.23 9.61
O8 KDO F . -81.97 29.27 10.86
C1 KDO F . -76.91 24.59 7.70
O1A KDO F . -78.10 24.54 7.39
O1B KDO F . -76.57 24.23 8.84
C2 KDO F . -75.93 25.36 6.86
C3 KDO F . -74.50 24.82 6.77
C4 KDO F . -73.74 25.73 5.77
O4 KDO F . -72.37 25.22 5.74
C5 KDO F . -74.49 25.62 4.36
O5 KDO F . -74.61 24.21 3.93
C6 KDO F . -75.90 26.22 4.54
O6 KDO F . -76.64 25.48 5.57
C7 KDO F . -76.71 26.24 3.24
O7 KDO F . -76.11 27.19 2.37
C8 KDO F . -78.17 26.64 3.52
O8 KDO F . -78.69 27.45 2.47
C1 KDO F . -71.51 25.36 3.44
O1A KDO F . -72.14 26.17 2.78
O1B KDO F . -71.39 24.21 3.02
C2 KDO F . -71.22 25.61 4.92
C3 KDO F . -69.87 25.15 5.44
C4 KDO F . -69.74 25.65 6.92
O4 KDO F . -68.47 25.22 7.44
C5 KDO F . -69.83 27.23 6.93
O5 KDO F . -68.79 27.83 6.08
C6 KDO F . -71.22 27.65 6.40
O6 KDO F . -71.43 27.08 5.05
C7 KDO F . -71.40 29.17 6.36
O7 KDO F . -70.85 29.78 7.53
C8 KDO F . -72.86 29.58 6.23
O8 KDO F . -72.94 30.96 5.85
MG MG G . 26.47 -6.93 -12.68
MG MG H . 31.32 -2.06 0.16
MG MG I . 10.22 -9.57 -21.06
MG MG J . -56.08 29.12 1.97
MG MG K . -50.58 34.03 14.35
#